data_8FUX
#
_entry.id   8FUX
#
_cell.length_a   58.540
_cell.length_b   80.300
_cell.length_c   65.980
_cell.angle_alpha   90.000
_cell.angle_beta   103.039
_cell.angle_gamma   90.000
#
_symmetry.space_group_name_H-M   'P 1 21 1'
#
loop_
_entity.id
_entity.type
_entity.pdbx_description
1 polymer 'Capsule polysaccharide export protein KpsC'
2 non-polymer '3-deoxy-beta-D-manno-oct-2-ulopyranosonic acid'
3 non-polymer "CYTIDINE-5'-MONOPHOSPHATE"
4 non-polymer N-(8-hydroxyoctyl)-4-methoxybenzamide
5 non-polymer '3-deoxy-alpha-D-manno-oct-2-ulopyranosonic acid'
6 non-polymer 'CHLORIDE ION'
7 non-polymer 'PHOSPHATE ION'
8 water water
#
_entity_poly.entity_id   1
_entity_poly.type   'polypeptide(L)'
_entity_poly.pdbx_seq_one_letter_code
;MGIGIYSPGIWRIPHLEKFLAQPCQKLSLLRPVPQEVNAIAVWGHRPSAAKPVAIAKAAGKPVIRLEDGFVRSLDLGVNG
EPPLSLVVDDCGIYYDASKPSALEKLVQDKAGNTALISQAREAMHTIVTGDMSKYNLAPAFVADESERTNIVLVVDQTFN
CMSVTYGNAGPHEFAAMLEAAMAENPQAEIWVKVHPDVLEGKKTGYFADLRATQRVRLIAENVSPQSLLRHVSRVYVVTS
QYGFEALLAGKPVTCFGQPWYASWGLTDDRHPQSALLSARRGSATLEELFAAAYLRYCRYIDPQTGEVSDLFTVLQWLQL
QRRHHHHHH
;
_entity_poly.pdbx_strand_id   A,B
#
loop_
_chem_comp.id
_chem_comp.type
_chem_comp.name
_chem_comp.formula
C5P non-polymer CYTIDINE-5'-MONOPHOSPHATE 'C9 H14 N3 O8 P'
CL non-polymer 'CHLORIDE ION' 'Cl -1'
KD3 non-polymer '3-deoxy-beta-D-manno-oct-2-ulopyranosonic acid' 'C8 H14 O8'
KDO D-saccharide, alpha linking '3-deoxy-alpha-D-manno-oct-2-ulopyranosonic acid' 'C8 H14 O8'
PO4 non-polymer 'PHOSPHATE ION' 'O4 P -3'
PXV non-polymer N-(8-hydroxyoctyl)-4-methoxybenzamide 'C16 H25 N O3'
#
# COMPACT_ATOMS: atom_id res chain seq x y z
N GLY A 2 14.98 11.04 24.49
N GLY A 2 15.82 10.26 25.12
CA GLY A 2 14.84 9.51 24.73
CA GLY A 2 14.58 9.67 24.62
C GLY A 2 14.97 8.66 23.46
C GLY A 2 14.68 9.16 23.21
N ILE A 3 13.84 8.16 22.93
CA ILE A 3 13.86 7.44 21.67
CA ILE A 3 13.90 7.46 21.65
C ILE A 3 13.38 8.37 20.55
N GLY A 4 14.13 8.45 19.46
CA GLY A 4 13.73 9.22 18.30
C GLY A 4 12.92 8.39 17.33
N ILE A 5 11.83 9.01 16.82
CA ILE A 5 10.89 8.35 15.91
C ILE A 5 10.81 9.23 14.65
N TYR A 6 11.20 8.70 13.49
CA TYR A 6 11.07 9.43 12.21
C TYR A 6 9.73 9.18 11.54
N SER A 7 9.22 7.95 11.61
CA SER A 7 8.03 7.58 10.85
C SER A 7 6.78 8.22 11.42
N PRO A 8 5.99 8.92 10.60
CA PRO A 8 4.72 9.45 11.11
CA PRO A 8 4.72 9.45 11.11
C PRO A 8 3.74 8.35 11.46
N GLY A 9 3.87 7.19 10.82
CA GLY A 9 3.01 6.06 11.14
C GLY A 9 3.31 5.47 12.51
N ILE A 10 4.59 5.39 12.88
CA ILE A 10 4.92 4.96 14.26
C ILE A 10 4.48 6.02 15.25
N TRP A 11 4.73 7.30 14.92
CA TRP A 11 4.49 8.38 15.86
C TRP A 11 3.01 8.47 16.26
N ARG A 12 2.10 8.10 15.36
CA ARG A 12 0.67 8.17 15.64
CA ARG A 12 0.67 8.17 15.65
C ARG A 12 0.15 6.96 16.44
N ILE A 13 0.96 5.93 16.71
CA ILE A 13 0.51 4.83 17.56
C ILE A 13 0.14 5.32 18.96
N PRO A 14 -1.11 5.17 19.39
CA PRO A 14 -1.45 5.60 20.75
C PRO A 14 -0.62 4.87 21.79
N HIS A 15 -0.16 5.61 22.79
CA HIS A 15 0.58 5.04 23.93
C HIS A 15 1.89 4.38 23.54
N LEU A 16 2.51 4.90 22.48
CA LEU A 16 3.80 4.44 22.01
C LEU A 16 4.82 4.34 23.15
N GLU A 17 4.88 5.36 24.02
CA GLU A 17 5.87 5.39 25.07
C GLU A 17 5.64 4.31 26.13
N LYS A 18 4.41 3.83 26.29
CA LYS A 18 4.11 2.74 27.19
C LYS A 18 4.69 1.45 26.68
N PHE A 19 4.71 1.22 25.38
CA PHE A 19 5.37 0.04 24.84
C PHE A 19 6.87 0.11 24.99
N LEU A 20 7.45 1.28 24.74
CA LEU A 20 8.90 1.42 24.72
CA LEU A 20 8.90 1.45 24.72
C LEU A 20 9.49 1.57 26.12
N ALA A 21 8.65 1.87 27.10
CA ALA A 21 9.09 2.00 28.48
C ALA A 21 10.00 3.19 28.68
N GLN A 22 9.92 4.20 27.81
CA GLN A 22 10.73 5.38 27.98
C GLN A 22 10.23 6.47 27.05
N PRO A 23 10.59 7.73 27.29
CA PRO A 23 10.04 8.82 26.49
C PRO A 23 10.47 8.70 25.03
N CYS A 24 9.62 9.29 24.18
CA CYS A 24 9.81 9.29 22.75
CA CYS A 24 9.97 9.33 22.77
C CYS A 24 9.58 10.67 22.17
N GLN A 25 10.23 10.98 21.04
CA GLN A 25 10.07 12.28 20.39
C GLN A 25 10.16 12.12 18.88
N LYS A 26 9.42 12.99 18.17
CA LYS A 26 9.35 12.94 16.71
C LYS A 26 10.57 13.68 16.12
N LEU A 27 11.30 13.04 15.18
CA LEU A 27 12.47 13.56 14.48
CA LEU A 27 12.46 13.59 14.50
C LEU A 27 12.16 13.79 13.01
N SER A 28 12.82 14.78 12.45
CA SER A 28 12.72 15.09 11.04
C SER A 28 13.90 14.58 10.26
N LEU A 29 13.65 13.98 9.09
CA LEU A 29 14.68 13.54 8.14
C LEU A 29 15.57 14.68 7.66
N LEU A 30 15.17 15.91 7.82
CA LEU A 30 15.94 17.05 7.32
CA LEU A 30 15.93 17.06 7.33
C LEU A 30 16.75 17.78 8.40
N ARG A 31 16.77 17.29 9.62
CA ARG A 31 17.53 17.89 10.71
CA ARG A 31 17.54 17.89 10.69
C ARG A 31 18.49 16.89 11.33
N PRO A 32 19.55 17.38 12.00
CA PRO A 32 20.46 16.47 12.73
C PRO A 32 19.78 15.72 13.85
N VAL A 33 20.36 14.61 14.29
CA VAL A 33 19.84 13.89 15.45
C VAL A 33 20.13 14.68 16.71
N PRO A 34 19.13 15.04 17.53
CA PRO A 34 19.41 15.81 18.76
C PRO A 34 20.18 15.01 19.79
N GLN A 35 20.97 15.72 20.59
CA GLN A 35 21.78 15.08 21.63
CA GLN A 35 21.78 15.06 21.60
C GLN A 35 20.92 14.28 22.61
N GLU A 36 19.68 14.71 22.86
CA GLU A 36 18.80 14.08 23.83
CA GLU A 36 18.83 14.05 23.86
C GLU A 36 18.29 12.72 23.39
N VAL A 37 18.48 12.35 22.15
CA VAL A 37 18.05 11.07 21.63
C VAL A 37 19.15 10.03 21.85
N ASN A 38 18.83 8.92 22.52
CA ASN A 38 19.80 7.86 22.75
CA ASN A 38 19.82 7.87 22.72
C ASN A 38 19.72 6.73 21.71
N ALA A 39 18.62 6.57 21.01
CA ALA A 39 18.40 5.47 20.06
C ALA A 39 17.28 5.89 19.15
N ILE A 40 17.23 5.29 17.98
CA ILE A 40 16.22 5.58 16.95
C ILE A 40 15.42 4.31 16.74
N ALA A 41 14.10 4.44 16.76
CA ALA A 41 13.22 3.29 16.53
C ALA A 41 12.57 3.34 15.16
N VAL A 42 12.56 2.20 14.48
CA VAL A 42 12.02 2.03 13.13
C VAL A 42 11.12 0.80 13.13
N TRP A 43 10.40 0.57 12.03
CA TRP A 43 9.50 -0.56 11.91
C TRP A 43 10.17 -1.70 11.17
N GLY A 44 10.66 -2.69 11.91
CA GLY A 44 11.31 -3.85 11.33
C GLY A 44 12.32 -3.41 10.27
N HIS A 45 12.33 -4.13 9.15
CA HIS A 45 13.09 -3.83 7.95
C HIS A 45 12.16 -3.27 6.83
N ARG A 46 11.09 -2.57 7.17
CA ARG A 46 10.28 -1.95 6.14
C ARG A 46 11.14 -1.00 5.30
N PRO A 47 10.78 -0.78 4.02
CA PRO A 47 11.52 0.21 3.19
C PRO A 47 11.64 1.56 3.88
N SER A 48 10.59 1.98 4.61
CA SER A 48 10.56 3.26 5.33
C SER A 48 11.69 3.39 6.38
N ALA A 49 12.22 2.26 6.85
CA ALA A 49 13.26 2.23 7.89
C ALA A 49 14.65 2.56 7.34
N ALA A 50 14.86 2.49 6.02
CA ALA A 50 16.22 2.57 5.52
C ALA A 50 16.90 3.91 5.85
N LYS A 51 16.22 5.05 5.62
CA LYS A 51 16.88 6.34 5.85
C LYS A 51 17.17 6.52 7.33
N PRO A 52 16.22 6.31 8.26
CA PRO A 52 16.57 6.46 9.69
C PRO A 52 17.67 5.52 10.13
N VAL A 53 17.76 4.29 9.60
CA VAL A 53 18.86 3.40 9.96
C VAL A 53 20.20 3.97 9.51
N ALA A 54 20.28 4.53 8.30
CA ALA A 54 21.50 5.18 7.82
C ALA A 54 21.87 6.39 8.69
N ILE A 55 20.89 7.21 9.03
CA ILE A 55 21.14 8.36 9.88
C ILE A 55 21.66 7.93 11.24
N ALA A 56 21.08 6.88 11.81
CA ALA A 56 21.51 6.40 13.12
C ALA A 56 22.94 5.94 13.08
N LYS A 57 23.31 5.22 12.05
CA LYS A 57 24.66 4.70 11.95
C LYS A 57 25.65 5.87 11.88
N ALA A 58 25.36 6.85 11.03
CA ALA A 58 26.27 8.00 10.88
C ALA A 58 26.35 8.86 12.13
N ALA A 59 25.29 8.90 12.95
CA ALA A 59 25.22 9.65 14.19
C ALA A 59 25.75 8.91 15.40
N GLY A 60 26.11 7.64 15.26
CA GLY A 60 26.55 6.90 16.41
C GLY A 60 25.48 6.51 17.36
N LYS A 61 24.27 6.22 16.88
CA LYS A 61 23.14 5.89 17.75
C LYS A 61 22.63 4.50 17.39
N PRO A 62 22.31 3.69 18.39
CA PRO A 62 21.71 2.36 18.15
CA PRO A 62 21.71 2.37 18.12
C PRO A 62 20.29 2.48 17.59
N VAL A 63 19.90 1.41 16.91
CA VAL A 63 18.56 1.24 16.35
C VAL A 63 17.77 0.22 17.14
N ILE A 64 16.51 0.54 17.43
CA ILE A 64 15.53 -0.36 18.01
C ILE A 64 14.51 -0.64 16.90
N ARG A 65 14.21 -1.91 16.68
CA ARG A 65 13.22 -2.31 15.68
C ARG A 65 11.92 -2.74 16.37
N LEU A 66 10.84 -2.16 15.92
CA LEU A 66 9.50 -2.39 16.43
C LEU A 66 8.72 -3.19 15.39
N GLU A 67 7.62 -3.83 15.86
CA GLU A 67 6.69 -4.47 14.96
C GLU A 67 5.43 -4.77 15.79
N ASP A 68 4.38 -5.24 15.12
CA ASP A 68 3.18 -5.69 15.80
C ASP A 68 3.51 -6.85 16.74
N GLY A 69 2.81 -6.92 17.86
CA GLY A 69 2.85 -8.14 18.65
C GLY A 69 2.09 -9.28 18.00
N PHE A 70 2.22 -10.46 18.60
CA PHE A 70 1.63 -11.69 18.07
C PHE A 70 0.15 -11.85 18.43
N VAL A 71 -0.32 -11.10 19.42
CA VAL A 71 -1.76 -10.91 19.68
C VAL A 71 -1.93 -9.40 19.61
N ARG A 72 -2.42 -8.87 18.48
CA ARG A 72 -2.31 -7.45 18.21
C ARG A 72 -3.59 -6.67 18.48
N SER A 73 -4.74 -7.14 17.98
CA SER A 73 -5.89 -6.25 17.92
C SER A 73 -7.13 -7.06 17.53
N LEU A 74 -8.28 -6.37 17.56
CA LEU A 74 -9.56 -6.93 17.06
C LEU A 74 -9.51 -6.96 15.50
N ASP A 75 -9.64 -5.81 14.88
CA ASP A 75 -9.59 -5.66 13.42
C ASP A 75 -8.14 -5.71 12.92
N LEU A 76 -7.99 -5.78 11.60
CA LEU A 76 -6.69 -5.83 10.95
C LEU A 76 -5.93 -4.50 11.08
N GLY A 77 -4.61 -4.62 11.13
CA GLY A 77 -3.76 -3.47 11.06
C GLY A 77 -4.01 -2.61 9.82
N VAL A 78 -4.30 -3.23 8.69
CA VAL A 78 -4.50 -2.50 7.44
C VAL A 78 -5.83 -1.74 7.47
N ASN A 79 -6.73 -2.00 8.44
CA ASN A 79 -7.99 -1.28 8.57
C ASN A 79 -7.89 -0.15 9.58
N GLY A 80 -6.67 0.24 10.01
CA GLY A 80 -6.49 1.42 10.83
C GLY A 80 -6.67 1.22 12.33
N GLU A 81 -6.89 0.02 12.77
CA GLU A 81 -6.99 -0.35 14.16
C GLU A 81 -5.61 -0.19 14.81
N PRO A 82 -5.50 0.58 15.91
CA PRO A 82 -4.18 0.65 16.62
C PRO A 82 -3.82 -0.65 17.31
N PRO A 83 -2.53 -0.88 17.50
CA PRO A 83 -2.09 -2.13 18.14
C PRO A 83 -2.23 -2.06 19.65
N LEU A 84 -2.58 -3.20 20.26
CA LEU A 84 -2.54 -3.38 21.72
C LEU A 84 -1.24 -4.01 22.18
N SER A 85 -0.41 -4.48 21.27
CA SER A 85 0.87 -5.12 21.56
CA SER A 85 0.89 -5.05 21.60
C SER A 85 1.87 -4.77 20.46
N LEU A 86 3.10 -4.52 20.87
CA LEU A 86 4.24 -4.36 20.00
C LEU A 86 5.35 -5.28 20.47
N VAL A 87 6.18 -5.68 19.54
CA VAL A 87 7.51 -6.22 19.85
C VAL A 87 8.54 -5.09 19.84
N VAL A 88 9.56 -5.22 20.68
CA VAL A 88 10.61 -4.22 20.85
C VAL A 88 11.94 -4.96 20.83
N ASP A 89 12.75 -4.74 19.81
CA ASP A 89 13.96 -5.52 19.56
C ASP A 89 15.17 -4.60 19.49
N ASP A 90 16.08 -4.75 20.45
CA ASP A 90 17.32 -3.97 20.50
C ASP A 90 18.49 -4.64 19.78
N CYS A 91 18.29 -5.73 19.11
CA CYS A 91 19.44 -6.21 18.37
CA CYS A 91 19.34 -6.52 18.48
C CYS A 91 19.20 -6.76 16.98
N GLY A 92 18.07 -7.10 16.55
CA GLY A 92 17.71 -7.38 15.15
C GLY A 92 16.20 -7.30 15.07
N ILE A 93 15.57 -8.31 14.52
CA ILE A 93 14.11 -8.38 14.50
C ILE A 93 13.78 -9.85 14.32
N TYR A 94 12.64 -10.31 14.91
CA TYR A 94 12.38 -11.73 15.02
C TYR A 94 12.40 -12.45 13.68
N TYR A 95 11.93 -11.79 12.62
CA TYR A 95 11.78 -12.46 11.34
C TYR A 95 13.06 -12.52 10.52
N ASP A 96 14.13 -11.88 10.97
CA ASP A 96 15.41 -11.88 10.23
C ASP A 96 16.25 -13.03 10.75
N ALA A 97 16.34 -14.08 9.97
CA ALA A 97 17.05 -15.32 10.34
C ALA A 97 18.56 -15.19 10.18
N SER A 98 19.06 -14.11 9.58
CA SER A 98 20.50 -14.09 9.22
C SER A 98 21.40 -13.90 10.43
N LYS A 99 20.85 -13.39 11.55
CA LYS A 99 21.63 -13.15 12.77
C LYS A 99 20.72 -13.16 13.96
N PRO A 100 21.26 -13.33 15.16
CA PRO A 100 20.38 -13.39 16.33
C PRO A 100 19.52 -12.14 16.45
N SER A 101 18.31 -12.31 16.94
CA SER A 101 17.41 -11.24 17.33
C SER A 101 17.33 -11.22 18.86
N ALA A 102 16.71 -10.17 19.43
CA ALA A 102 16.42 -10.21 20.85
C ALA A 102 15.56 -11.38 21.22
N LEU A 103 14.61 -11.76 20.34
CA LEU A 103 13.76 -12.91 20.64
C LEU A 103 14.56 -14.21 20.68
N GLU A 104 15.47 -14.41 19.72
CA GLU A 104 16.27 -15.66 19.74
C GLU A 104 16.99 -15.78 21.08
N LYS A 105 17.55 -14.67 21.57
CA LYS A 105 18.27 -14.71 22.84
C LYS A 105 17.33 -14.99 24.01
N LEU A 106 16.13 -14.42 23.99
CA LEU A 106 15.15 -14.74 25.03
C LEU A 106 14.78 -16.23 25.03
N VAL A 107 14.60 -16.81 23.86
CA VAL A 107 14.28 -18.25 23.80
C VAL A 107 15.41 -19.05 24.44
N GLN A 108 16.66 -18.68 24.16
CA GLN A 108 17.82 -19.41 24.64
C GLN A 108 18.00 -19.33 26.12
N ASP A 109 17.41 -18.31 26.75
CA ASP A 109 17.42 -18.19 28.23
C ASP A 109 16.32 -19.05 28.84
N LYS A 110 16.59 -20.35 28.84
CA LYS A 110 15.62 -21.35 29.26
C LYS A 110 15.10 -21.11 30.63
N ALA A 111 15.99 -20.74 31.56
CA ALA A 111 15.55 -20.55 32.94
C ALA A 111 14.52 -19.41 33.03
N GLY A 112 14.71 -18.31 32.28
CA GLY A 112 13.75 -17.23 32.34
C GLY A 112 12.40 -17.62 31.77
N ASN A 113 12.36 -18.58 30.88
CA ASN A 113 11.13 -19.06 30.28
C ASN A 113 10.43 -20.06 31.15
N THR A 114 11.17 -20.99 31.75
CA THR A 114 10.53 -21.98 32.64
CA THR A 114 10.54 -21.99 32.63
C THR A 114 9.92 -21.33 33.87
N ALA A 115 10.48 -20.20 34.30
CA ALA A 115 9.87 -19.45 35.39
C ALA A 115 8.45 -19.03 35.08
N LEU A 116 8.07 -18.90 33.81
CA LEU A 116 6.78 -18.40 33.37
C LEU A 116 5.85 -19.52 32.94
N ILE A 117 6.12 -20.76 33.34
CA ILE A 117 5.34 -21.88 32.77
C ILE A 117 3.84 -21.77 33.05
N SER A 118 3.43 -21.34 34.26
CA SER A 118 1.97 -21.27 34.51
CA SER A 118 1.98 -21.29 34.51
C SER A 118 1.28 -20.21 33.65
N GLN A 119 1.91 -19.05 33.52
CA GLN A 119 1.37 -18.03 32.66
CA GLN A 119 1.36 -18.03 32.65
C GLN A 119 1.35 -18.51 31.21
N ALA A 120 2.36 -19.26 30.79
CA ALA A 120 2.37 -19.76 29.42
C ALA A 120 1.21 -20.74 29.21
N ARG A 121 1.00 -21.68 30.14
CA ARG A 121 -0.07 -22.64 29.94
C ARG A 121 -1.43 -21.99 29.93
N GLU A 122 -1.64 -21.01 30.80
CA GLU A 122 -2.93 -20.32 30.83
C GLU A 122 -3.20 -19.63 29.49
N ALA A 123 -2.21 -18.85 28.98
CA ALA A 123 -2.41 -18.11 27.75
C ALA A 123 -2.54 -19.06 26.56
N MET A 124 -1.72 -20.12 26.52
CA MET A 124 -1.85 -21.09 25.44
C MET A 124 -3.26 -21.66 25.39
N HIS A 125 -3.81 -22.04 26.54
CA HIS A 125 -5.17 -22.61 26.60
C HIS A 125 -6.23 -21.59 26.11
N THR A 126 -6.12 -20.34 26.54
CA THR A 126 -7.07 -19.33 26.09
C THR A 126 -6.96 -19.14 24.58
N ILE A 127 -5.75 -19.03 24.05
CA ILE A 127 -5.56 -18.82 22.62
C ILE A 127 -6.17 -19.96 21.80
N VAL A 128 -5.86 -21.23 22.15
CA VAL A 128 -6.35 -22.34 21.36
C VAL A 128 -7.84 -22.57 21.58
N THR A 129 -8.26 -22.72 22.85
CA THR A 129 -9.66 -23.10 23.10
C THR A 129 -10.58 -21.89 22.96
N GLY A 130 -10.06 -20.70 23.20
CA GLY A 130 -10.79 -19.49 22.99
C GLY A 130 -10.72 -18.92 21.60
N ASP A 131 -9.96 -19.54 20.71
CA ASP A 131 -9.89 -19.22 19.30
C ASP A 131 -9.45 -17.77 19.06
N MET A 132 -8.26 -17.44 19.61
CA MET A 132 -7.63 -16.13 19.43
CA MET A 132 -7.66 -16.13 19.41
C MET A 132 -6.45 -16.23 18.49
N SER A 133 -6.00 -15.08 17.99
CA SER A 133 -4.89 -15.02 17.05
C SER A 133 -4.32 -13.59 17.07
N LYS A 134 -3.50 -13.27 16.05
CA LYS A 134 -2.98 -11.92 15.92
C LYS A 134 -4.10 -10.91 15.71
N TYR A 135 -5.04 -11.25 14.81
CA TYR A 135 -6.23 -10.48 14.50
C TYR A 135 -7.41 -11.34 14.93
N ASN A 136 -8.49 -10.68 15.38
CA ASN A 136 -9.51 -11.35 16.20
C ASN A 136 -10.95 -11.06 15.81
N LEU A 137 -11.21 -10.58 14.59
CA LEU A 137 -12.58 -10.28 14.20
C LEU A 137 -13.20 -11.36 13.32
N ALA A 138 -12.40 -12.20 12.67
CA ALA A 138 -12.94 -13.20 11.74
C ALA A 138 -13.78 -14.22 12.48
N PRO A 139 -14.89 -14.65 11.89
CA PRO A 139 -15.68 -15.71 12.48
C PRO A 139 -15.00 -17.07 12.39
N ALA A 140 -15.48 -18.00 13.22
CA ALA A 140 -15.01 -19.38 13.17
C ALA A 140 -15.42 -20.05 11.85
N PHE A 141 -14.53 -20.90 11.35
CA PHE A 141 -14.80 -21.70 10.17
C PHE A 141 -15.92 -22.69 10.50
N VAL A 142 -16.89 -22.88 9.57
CA VAL A 142 -18.02 -23.77 9.76
C VAL A 142 -17.76 -25.10 9.04
N ALA A 143 -17.71 -26.20 9.79
CA ALA A 143 -17.43 -27.49 9.19
C ALA A 143 -17.77 -28.58 10.15
N ASP A 144 -18.02 -29.74 9.59
CA ASP A 144 -18.13 -30.95 10.36
C ASP A 144 -16.83 -31.33 11.01
N GLU A 145 -16.86 -31.58 12.33
CA GLU A 145 -15.64 -31.87 13.08
C GLU A 145 -15.09 -33.26 12.82
N SER A 146 -15.82 -34.14 12.15
CA SER A 146 -15.30 -35.47 11.83
C SER A 146 -14.34 -35.46 10.64
N THR A 149 -9.03 -37.15 8.28
CA THR A 149 -7.67 -36.68 8.55
C THR A 149 -6.89 -36.50 7.24
N ASN A 150 -7.59 -36.00 6.24
CA ASN A 150 -7.05 -35.96 4.90
C ASN A 150 -6.96 -34.53 4.35
N ILE A 151 -6.77 -33.48 5.17
CA ILE A 151 -6.71 -32.11 4.71
CA ILE A 151 -6.72 -32.10 4.73
C ILE A 151 -5.36 -31.51 5.10
N VAL A 152 -4.63 -31.01 4.11
CA VAL A 152 -3.34 -30.39 4.29
C VAL A 152 -3.45 -28.88 4.05
N LEU A 153 -3.08 -28.08 5.02
CA LEU A 153 -3.15 -26.61 4.89
C LEU A 153 -1.85 -26.03 4.37
N VAL A 154 -1.95 -25.17 3.38
CA VAL A 154 -0.81 -24.45 2.80
C VAL A 154 -1.10 -22.96 3.00
N VAL A 155 -0.24 -22.24 3.69
CA VAL A 155 -0.52 -20.88 4.16
C VAL A 155 0.07 -19.85 3.20
N ASP A 156 -0.78 -19.02 2.60
CA ASP A 156 -0.30 -17.88 1.83
C ASP A 156 -0.03 -16.67 2.72
N GLN A 157 0.77 -15.73 2.23
CA GLN A 157 1.17 -14.55 3.00
C GLN A 157 0.95 -13.30 2.14
N THR A 158 1.46 -12.17 2.58
CA THR A 158 1.39 -10.92 1.82
C THR A 158 2.67 -10.69 1.04
N PHE A 159 2.50 -10.24 -0.20
CA PHE A 159 3.58 -10.19 -1.20
C PHE A 159 4.74 -9.26 -0.80
N ASN A 160 4.46 -8.18 -0.16
CA ASN A 160 5.57 -7.30 0.19
C ASN A 160 5.95 -7.38 1.68
N CYS A 161 5.66 -8.49 2.33
CA CYS A 161 6.01 -8.59 3.73
C CYS A 161 7.51 -9.02 3.89
N MET A 162 8.19 -8.30 4.76
CA MET A 162 9.60 -8.54 4.98
CA MET A 162 9.60 -8.52 5.02
C MET A 162 9.90 -9.80 5.77
N SER A 163 8.92 -10.43 6.43
CA SER A 163 9.20 -11.71 7.09
CA SER A 163 9.21 -11.70 7.08
C SER A 163 9.60 -12.77 6.09
N VAL A 164 9.05 -12.71 4.89
CA VAL A 164 9.43 -13.69 3.86
C VAL A 164 10.88 -13.45 3.43
N THR A 165 11.19 -12.22 3.02
CA THR A 165 12.51 -11.84 2.53
C THR A 165 13.60 -12.13 3.56
N TYR A 166 13.43 -11.66 4.79
CA TYR A 166 14.44 -11.80 5.82
C TYR A 166 14.42 -13.17 6.48
N GLY A 167 13.40 -13.96 6.20
CA GLY A 167 13.40 -15.39 6.48
C GLY A 167 14.03 -16.20 5.33
N ASN A 168 14.78 -15.54 4.43
CA ASN A 168 15.53 -16.18 3.34
C ASN A 168 14.61 -16.86 2.33
N ALA A 169 13.53 -16.17 1.95
CA ALA A 169 12.57 -16.71 1.00
C ALA A 169 11.97 -15.60 0.16
N GLY A 170 11.17 -16.04 -0.81
CA GLY A 170 10.45 -15.19 -1.72
C GLY A 170 9.43 -16.00 -2.46
N PRO A 171 8.82 -15.40 -3.48
CA PRO A 171 7.79 -16.06 -4.25
C PRO A 171 8.16 -17.47 -4.68
N HIS A 172 9.41 -17.73 -5.02
CA HIS A 172 9.73 -19.08 -5.49
C HIS A 172 9.55 -20.17 -4.41
N GLU A 173 9.76 -19.85 -3.13
CA GLU A 173 9.53 -20.85 -2.07
C GLU A 173 8.05 -21.15 -1.88
N PHE A 174 7.15 -20.22 -2.22
CA PHE A 174 5.72 -20.52 -2.18
C PHE A 174 5.33 -21.59 -3.19
N ALA A 175 5.89 -21.51 -4.39
CA ALA A 175 5.63 -22.56 -5.40
C ALA A 175 6.18 -23.90 -4.92
N ALA A 176 7.41 -23.88 -4.39
CA ALA A 176 8.06 -25.09 -3.91
C ALA A 176 7.22 -25.70 -2.78
N MET A 177 6.75 -24.89 -1.84
CA MET A 177 5.90 -25.34 -0.73
C MET A 177 4.64 -26.05 -1.24
N LEU A 178 3.94 -25.42 -2.18
CA LEU A 178 2.70 -26.02 -2.68
C LEU A 178 2.97 -27.35 -3.37
N GLU A 179 4.01 -27.38 -4.20
CA GLU A 179 4.34 -28.59 -4.94
C GLU A 179 4.66 -29.72 -3.99
N ALA A 180 5.41 -29.42 -2.92
CA ALA A 180 5.74 -30.42 -1.89
C ALA A 180 4.52 -30.92 -1.15
N ALA A 181 3.62 -30.01 -0.75
CA ALA A 181 2.38 -30.44 -0.09
C ALA A 181 1.60 -31.39 -0.97
N MET A 182 1.48 -31.07 -2.26
CA MET A 182 0.78 -31.96 -3.19
C MET A 182 1.45 -33.31 -3.26
N ALA A 183 2.76 -33.32 -3.55
CA ALA A 183 3.45 -34.58 -3.86
C ALA A 183 3.57 -35.49 -2.64
N GLU A 184 3.77 -34.91 -1.47
CA GLU A 184 4.00 -35.65 -0.22
C GLU A 184 2.72 -36.16 0.42
N ASN A 185 1.55 -35.72 -0.10
CA ASN A 185 0.26 -36.08 0.49
C ASN A 185 -0.71 -36.39 -0.66
N PRO A 186 -0.43 -37.44 -1.44
CA PRO A 186 -1.18 -37.65 -2.68
C PRO A 186 -2.65 -37.97 -2.50
N GLN A 187 -3.09 -38.43 -1.33
CA GLN A 187 -4.51 -38.74 -1.12
C GLN A 187 -5.24 -37.62 -0.45
N ALA A 188 -4.55 -36.57 -0.10
CA ALA A 188 -5.19 -35.52 0.67
C ALA A 188 -5.83 -34.46 -0.23
N GLU A 189 -6.75 -33.67 0.32
CA GLU A 189 -7.09 -32.38 -0.25
CA GLU A 189 -7.09 -32.38 -0.24
C GLU A 189 -6.12 -31.34 0.28
N ILE A 190 -5.70 -30.44 -0.61
CA ILE A 190 -4.73 -29.39 -0.31
C ILE A 190 -5.49 -28.06 -0.25
N TRP A 191 -5.53 -27.39 0.90
CA TRP A 191 -6.23 -26.13 1.07
CA TRP A 191 -6.25 -26.13 1.10
C TRP A 191 -5.25 -24.97 1.16
N VAL A 192 -5.34 -24.03 0.25
CA VAL A 192 -4.44 -22.89 0.19
C VAL A 192 -5.20 -21.73 0.81
N LYS A 193 -4.78 -21.28 2.02
CA LYS A 193 -5.49 -20.24 2.78
C LYS A 193 -4.91 -18.87 2.44
N VAL A 194 -5.78 -18.00 1.91
CA VAL A 194 -5.38 -16.64 1.53
C VAL A 194 -5.35 -15.75 2.77
N HIS A 195 -4.35 -14.85 2.83
CA HIS A 195 -4.15 -13.99 4.00
C HIS A 195 -5.31 -12.95 4.12
N PRO A 196 -5.78 -12.61 5.34
CA PRO A 196 -6.90 -11.64 5.48
C PRO A 196 -6.60 -10.29 4.89
N ASP A 197 -5.34 -9.83 4.85
CA ASP A 197 -5.08 -8.51 4.26
C ASP A 197 -5.40 -8.51 2.77
N VAL A 198 -5.18 -9.64 2.12
CA VAL A 198 -5.47 -9.84 0.71
C VAL A 198 -6.99 -9.99 0.50
N LEU A 199 -7.68 -10.66 1.41
CA LEU A 199 -9.15 -10.79 1.36
C LEU A 199 -9.80 -9.42 1.54
N GLU A 200 -9.15 -8.50 2.23
CA GLU A 200 -9.68 -7.16 2.44
C GLU A 200 -9.45 -6.28 1.22
N GLY A 201 -8.58 -6.68 0.27
CA GLY A 201 -8.27 -5.88 -0.91
C GLY A 201 -7.17 -4.87 -0.73
N LYS A 202 -6.38 -5.01 0.34
CA LYS A 202 -5.35 -4.05 0.67
C LYS A 202 -3.93 -4.47 0.30
N LYS A 203 -3.72 -5.75 0.06
CA LYS A 203 -2.45 -6.36 -0.28
C LYS A 203 -2.72 -7.47 -1.28
N THR A 204 -1.64 -7.99 -1.87
CA THR A 204 -1.68 -9.18 -2.73
C THR A 204 -0.94 -10.31 -2.04
N GLY A 205 -1.15 -11.52 -2.57
CA GLY A 205 -0.54 -12.74 -2.07
C GLY A 205 0.44 -13.32 -3.07
N TYR A 206 0.82 -14.58 -2.86
CA TYR A 206 1.80 -15.25 -3.67
C TYR A 206 1.18 -16.20 -4.68
N PHE A 207 -0.12 -16.45 -4.64
CA PHE A 207 -0.80 -17.45 -5.47
C PHE A 207 -1.84 -16.85 -6.42
N ALA A 208 -1.67 -15.60 -6.84
CA ALA A 208 -2.66 -15.01 -7.75
C ALA A 208 -2.85 -15.86 -9.00
N ASP A 209 -1.77 -16.44 -9.53
CA ASP A 209 -1.77 -17.19 -10.78
C ASP A 209 -2.12 -18.63 -10.60
N LEU A 210 -2.34 -19.08 -9.38
CA LEU A 210 -2.54 -20.49 -9.17
C LEU A 210 -3.86 -20.89 -9.79
N ARG A 211 -3.81 -21.93 -10.62
CA ARG A 211 -5.02 -22.56 -11.18
CA ARG A 211 -5.00 -22.57 -11.18
C ARG A 211 -5.46 -23.71 -10.28
N ALA A 212 -6.48 -23.45 -9.50
CA ALA A 212 -6.99 -24.45 -8.56
C ALA A 212 -7.62 -25.67 -9.28
N THR A 213 -7.74 -26.79 -8.55
CA THR A 213 -8.22 -28.02 -9.12
C THR A 213 -9.19 -28.68 -8.14
N GLN A 214 -9.66 -29.86 -8.47
CA GLN A 214 -10.53 -30.54 -7.51
C GLN A 214 -9.84 -30.84 -6.19
N ARG A 215 -8.55 -31.15 -6.25
CA ARG A 215 -7.74 -31.53 -5.10
C ARG A 215 -7.07 -30.33 -4.44
N VAL A 216 -6.76 -29.25 -5.16
CA VAL A 216 -6.03 -28.07 -4.66
C VAL A 216 -7.02 -26.92 -4.67
N ARG A 217 -7.52 -26.53 -3.48
CA ARG A 217 -8.63 -25.60 -3.32
CA ARG A 217 -8.63 -25.60 -3.32
C ARG A 217 -8.16 -24.32 -2.65
N LEU A 218 -8.72 -23.19 -3.08
CA LEU A 218 -8.50 -21.91 -2.45
C LEU A 218 -9.49 -21.63 -1.34
N ILE A 219 -8.96 -21.24 -0.17
CA ILE A 219 -9.76 -20.85 0.99
C ILE A 219 -9.66 -19.34 1.05
N ALA A 220 -10.74 -18.69 0.60
CA ALA A 220 -10.84 -17.22 0.54
C ALA A 220 -11.89 -16.70 1.51
N GLU A 221 -12.27 -17.49 2.47
CA GLU A 221 -13.09 -17.05 3.58
C GLU A 221 -12.22 -16.50 4.70
N ASN A 222 -12.60 -15.39 5.27
CA ASN A 222 -11.90 -14.82 6.44
C ASN A 222 -12.41 -15.54 7.68
N VAL A 223 -11.58 -16.44 8.23
CA VAL A 223 -11.92 -17.33 9.33
C VAL A 223 -10.79 -17.35 10.34
N SER A 224 -11.14 -17.58 11.59
CA SER A 224 -10.16 -17.60 12.68
C SER A 224 -9.23 -18.80 12.56
N PRO A 225 -7.91 -18.60 12.77
CA PRO A 225 -6.98 -19.69 12.58
C PRO A 225 -7.22 -20.93 13.39
N GLN A 226 -7.46 -20.79 14.71
CA GLN A 226 -7.56 -22.01 15.49
C GLN A 226 -8.75 -22.84 15.03
N SER A 227 -9.84 -22.19 14.60
CA SER A 227 -11.00 -22.93 14.12
C SER A 227 -10.67 -23.68 12.82
N LEU A 228 -9.90 -23.07 11.93
CA LEU A 228 -9.55 -23.77 10.71
C LEU A 228 -8.57 -24.90 10.99
N LEU A 229 -7.63 -24.67 11.92
CA LEU A 229 -6.64 -25.70 12.25
C LEU A 229 -7.26 -26.97 12.82
N ARG A 230 -8.44 -26.89 13.47
CA ARG A 230 -9.09 -28.10 13.93
C ARG A 230 -9.43 -29.05 12.80
N HIS A 231 -9.55 -28.54 11.58
CA HIS A 231 -10.03 -29.28 10.42
CA HIS A 231 -10.02 -29.35 10.46
C HIS A 231 -8.91 -29.87 9.59
N VAL A 232 -7.64 -29.62 9.94
CA VAL A 232 -6.53 -30.01 9.11
C VAL A 232 -5.63 -30.98 9.85
N SER A 233 -4.84 -31.76 9.09
CA SER A 233 -3.95 -32.76 9.65
C SER A 233 -2.49 -32.30 9.74
N ARG A 234 -2.08 -31.35 8.91
CA ARG A 234 -0.72 -30.83 8.96
C ARG A 234 -0.72 -29.53 8.16
N VAL A 235 0.34 -28.74 8.40
CA VAL A 235 0.42 -27.38 7.90
C VAL A 235 1.79 -27.17 7.26
N TYR A 236 1.77 -26.51 6.08
CA TYR A 236 2.96 -26.06 5.35
C TYR A 236 2.95 -24.53 5.35
N VAL A 237 4.12 -23.93 5.66
CA VAL A 237 4.32 -22.48 5.67
C VAL A 237 5.65 -22.16 5.01
N VAL A 238 5.77 -20.87 4.67
CA VAL A 238 7.07 -20.28 4.35
C VAL A 238 7.59 -19.62 5.64
N THR A 239 7.03 -18.47 6.03
CA THR A 239 7.41 -17.82 7.29
C THR A 239 6.23 -17.36 8.14
N SER A 240 4.99 -17.72 7.79
CA SER A 240 3.82 -17.13 8.47
C SER A 240 3.81 -17.40 9.97
N GLN A 241 3.29 -16.44 10.73
CA GLN A 241 2.93 -16.70 12.11
C GLN A 241 1.97 -17.85 12.27
N TYR A 242 1.19 -18.17 11.24
CA TYR A 242 0.31 -19.34 11.30
C TYR A 242 1.05 -20.60 11.71
N GLY A 243 2.31 -20.75 11.31
CA GLY A 243 3.05 -21.97 11.65
C GLY A 243 3.17 -22.15 13.17
N PHE A 244 3.44 -21.07 13.90
CA PHE A 244 3.53 -21.19 15.36
C PHE A 244 2.15 -21.49 15.96
N GLU A 245 1.12 -20.85 15.41
CA GLU A 245 -0.25 -21.11 15.87
CA GLU A 245 -0.25 -21.11 15.87
C GLU A 245 -0.65 -22.56 15.64
N ALA A 246 -0.19 -23.17 14.54
CA ALA A 246 -0.41 -24.58 14.26
C ALA A 246 0.32 -25.47 15.27
N LEU A 247 1.53 -25.09 15.69
CA LEU A 247 2.17 -25.82 16.80
C LEU A 247 1.33 -25.76 18.06
N LEU A 248 0.78 -24.59 18.40
CA LEU A 248 -0.07 -24.50 19.58
C LEU A 248 -1.27 -25.40 19.45
N ALA A 249 -1.79 -25.57 18.25
CA ALA A 249 -2.94 -26.40 17.97
C ALA A 249 -2.61 -27.86 17.92
N GLY A 250 -1.34 -28.26 18.07
CA GLY A 250 -0.93 -29.66 18.05
C GLY A 250 -0.82 -30.25 16.67
N LYS A 251 -0.51 -29.44 15.64
CA LYS A 251 -0.37 -29.92 14.29
C LYS A 251 1.10 -29.97 13.87
N PRO A 252 1.49 -30.94 13.06
CA PRO A 252 2.84 -30.90 12.44
C PRO A 252 2.98 -29.78 11.44
N VAL A 253 4.14 -29.13 11.46
CA VAL A 253 4.41 -27.94 10.64
C VAL A 253 5.67 -28.15 9.85
N THR A 254 5.58 -27.93 8.54
CA THR A 254 6.72 -27.95 7.62
C THR A 254 7.01 -26.51 7.19
N CYS A 255 8.30 -26.08 7.28
CA CYS A 255 8.71 -24.73 6.94
CA CYS A 255 8.71 -24.71 6.96
C CYS A 255 9.63 -24.66 5.74
N PHE A 256 9.29 -23.80 4.77
CA PHE A 256 10.09 -23.54 3.58
C PHE A 256 10.91 -22.26 3.67
N GLY A 257 10.61 -21.39 4.62
CA GLY A 257 11.48 -20.29 5.00
C GLY A 257 12.09 -20.54 6.36
N GLN A 258 12.64 -19.47 6.92
CA GLN A 258 13.29 -19.53 8.23
C GLN A 258 12.67 -18.54 9.22
N PRO A 259 11.42 -18.78 9.64
CA PRO A 259 10.78 -17.91 10.62
C PRO A 259 11.38 -18.04 12.01
N TRP A 260 10.88 -17.19 12.93
CA TRP A 260 11.46 -17.12 14.27
C TRP A 260 11.34 -18.41 15.05
N TYR A 261 10.36 -19.23 14.71
CA TYR A 261 10.07 -20.48 15.45
C TYR A 261 10.60 -21.73 14.74
N ALA A 262 11.34 -21.58 13.63
CA ALA A 262 11.97 -22.70 12.95
C ALA A 262 13.31 -23.02 13.59
N SER A 263 13.82 -24.24 13.33
CA SER A 263 15.19 -24.61 13.70
C SER A 263 15.44 -24.70 15.21
N TRP A 264 14.37 -24.94 15.99
CA TRP A 264 14.47 -25.23 17.40
C TRP A 264 14.18 -26.69 17.72
N GLY A 265 13.92 -27.51 16.70
CA GLY A 265 13.67 -28.90 16.90
C GLY A 265 12.20 -29.27 16.82
N LEU A 266 11.30 -28.30 16.55
CA LEU A 266 9.85 -28.53 16.63
C LEU A 266 9.19 -28.54 15.24
N THR A 267 9.92 -28.26 14.18
CA THR A 267 9.38 -28.11 12.83
C THR A 267 10.17 -28.96 11.85
N ASP A 268 9.50 -29.34 10.77
CA ASP A 268 10.11 -30.05 9.62
C ASP A 268 10.67 -28.96 8.70
N ASP A 269 11.98 -28.68 8.84
CA ASP A 269 12.62 -27.56 8.17
C ASP A 269 13.21 -27.96 6.85
N ARG A 270 12.78 -27.27 5.79
CA ARG A 270 13.17 -27.58 4.45
C ARG A 270 14.20 -26.63 3.86
N HIS A 271 14.55 -25.59 4.50
CA HIS A 271 15.45 -24.57 3.87
C HIS A 271 16.92 -25.01 3.80
N PRO A 272 17.63 -24.65 2.73
CA PRO A 272 19.06 -25.02 2.65
C PRO A 272 19.90 -24.56 3.84
N GLN A 273 19.55 -23.46 4.52
CA GLN A 273 20.31 -22.97 5.65
CA GLN A 273 20.31 -22.95 5.65
C GLN A 273 19.88 -23.53 7.00
N SER A 274 19.04 -24.56 6.99
CA SER A 274 18.47 -25.11 8.24
CA SER A 274 18.48 -25.06 8.25
C SER A 274 19.53 -25.64 9.20
N ALA A 275 20.50 -26.37 8.70
CA ALA A 275 21.51 -26.95 9.58
C ALA A 275 22.33 -25.87 10.30
N LEU A 276 22.70 -24.84 9.57
CA LEU A 276 23.48 -23.76 10.18
CA LEU A 276 23.47 -23.77 10.20
C LEU A 276 22.62 -23.00 11.20
N LEU A 277 21.34 -22.73 10.88
CA LEU A 277 20.49 -22.01 11.81
C LEU A 277 20.19 -22.84 13.06
N SER A 278 19.96 -24.13 12.90
CA SER A 278 19.77 -24.99 14.05
CA SER A 278 19.76 -25.00 14.03
C SER A 278 20.99 -25.05 14.93
N ALA A 279 22.19 -25.08 14.33
CA ALA A 279 23.39 -25.02 15.14
C ALA A 279 23.47 -23.75 15.98
N ARG A 280 23.05 -22.62 15.41
CA ARG A 280 23.12 -21.36 16.14
C ARG A 280 22.03 -21.30 17.23
N ARG A 281 20.81 -21.77 16.92
CA ARG A 281 19.71 -21.62 17.86
C ARG A 281 19.77 -22.67 19.00
N GLY A 282 20.07 -23.91 18.69
CA GLY A 282 19.88 -25.04 19.59
C GLY A 282 18.40 -25.39 19.73
N SER A 283 18.07 -26.09 20.82
CA SER A 283 16.74 -26.63 21.01
CA SER A 283 16.75 -26.65 21.03
C SER A 283 15.91 -25.78 21.98
N ALA A 284 14.58 -25.88 21.85
CA ALA A 284 13.66 -25.24 22.79
C ALA A 284 12.39 -26.04 22.80
N THR A 285 11.73 -26.03 23.94
CA THR A 285 10.38 -26.60 24.03
C THR A 285 9.32 -25.60 23.53
N LEU A 286 8.14 -26.14 23.22
CA LEU A 286 7.03 -25.30 22.80
C LEU A 286 6.67 -24.24 23.84
N GLU A 287 6.69 -24.60 25.12
CA GLU A 287 6.32 -23.65 26.16
C GLU A 287 7.44 -22.63 26.38
N GLU A 288 8.72 -22.97 26.14
CA GLU A 288 9.80 -21.99 26.21
C GLU A 288 9.67 -20.96 25.09
N LEU A 289 9.39 -21.45 23.85
CA LEU A 289 9.14 -20.53 22.72
CA LEU A 289 9.14 -20.54 22.72
C LEU A 289 7.97 -19.62 23.02
N PHE A 290 6.88 -20.18 23.55
CA PHE A 290 5.70 -19.38 23.79
C PHE A 290 5.99 -18.29 24.83
N ALA A 291 6.61 -18.68 25.96
CA ALA A 291 6.88 -17.67 27.00
C ALA A 291 7.80 -16.58 26.46
N ALA A 292 8.87 -16.98 25.76
CA ALA A 292 9.83 -15.99 25.28
C ALA A 292 9.13 -14.98 24.36
N ALA A 293 8.35 -15.48 23.40
CA ALA A 293 7.74 -14.62 22.38
C ALA A 293 6.59 -13.81 22.96
N TYR A 294 5.59 -14.51 23.53
CA TYR A 294 4.35 -13.86 23.90
C TYR A 294 4.39 -13.13 25.23
N LEU A 295 5.24 -13.61 26.16
CA LEU A 295 5.27 -13.02 27.50
C LEU A 295 6.47 -12.11 27.75
N ARG A 296 7.58 -12.30 27.05
CA ARG A 296 8.80 -11.50 27.28
C ARG A 296 9.08 -10.54 26.13
N TYR A 297 9.00 -10.95 24.90
CA TYR A 297 9.35 -10.12 23.76
C TYR A 297 8.24 -9.12 23.43
N CYS A 298 6.99 -9.59 23.44
CA CYS A 298 5.82 -8.72 23.21
C CYS A 298 5.52 -7.92 24.44
N ARG A 299 5.16 -6.62 24.23
CA ARG A 299 4.73 -5.65 25.23
C ARG A 299 3.29 -5.31 24.97
N TYR A 300 2.52 -5.03 26.01
CA TYR A 300 1.09 -4.84 25.94
C TYR A 300 0.66 -3.56 26.65
N ILE A 301 -0.43 -2.97 26.15
CA ILE A 301 -1.09 -1.88 26.84
C ILE A 301 -2.51 -2.28 27.16
N ASP A 302 -3.10 -1.57 28.16
CA ASP A 302 -4.45 -1.85 28.57
C ASP A 302 -5.41 -1.22 27.56
N PRO A 303 -6.36 -1.98 27.02
CA PRO A 303 -7.18 -1.42 25.95
C PRO A 303 -8.11 -0.33 26.37
N GLN A 304 -8.35 -0.20 27.67
CA GLN A 304 -9.21 0.87 28.17
C GLN A 304 -8.41 2.00 28.79
N THR A 305 -7.39 1.74 29.62
CA THR A 305 -6.70 2.84 30.26
C THR A 305 -5.47 3.34 29.48
N GLY A 306 -4.88 2.56 28.55
CA GLY A 306 -3.63 2.93 27.91
C GLY A 306 -2.34 2.60 28.66
N GLU A 307 -2.42 2.14 29.90
CA GLU A 307 -1.25 1.91 30.74
C GLU A 307 -0.59 0.58 30.39
N VAL A 308 0.68 0.46 30.78
CA VAL A 308 1.37 -0.83 30.62
C VAL A 308 0.50 -1.95 31.17
N SER A 309 0.40 -3.06 30.43
CA SER A 309 -0.46 -4.22 30.77
C SER A 309 0.25 -5.53 30.45
N ASP A 310 -0.56 -6.55 30.27
CA ASP A 310 -0.03 -7.91 30.03
CA ASP A 310 -0.05 -7.90 30.04
C ASP A 310 -0.95 -8.64 29.05
N LEU A 311 -0.47 -9.81 28.61
CA LEU A 311 -1.22 -10.60 27.66
C LEU A 311 -2.57 -10.94 28.21
N PHE A 312 -2.65 -11.32 29.49
CA PHE A 312 -3.91 -11.87 29.99
CA PHE A 312 -3.90 -11.87 30.02
C PHE A 312 -5.01 -10.82 29.91
N THR A 313 -4.69 -9.58 30.23
CA THR A 313 -5.68 -8.50 30.19
C THR A 313 -6.15 -8.27 28.77
N VAL A 314 -5.19 -8.25 27.83
CA VAL A 314 -5.57 -8.08 26.41
C VAL A 314 -6.45 -9.20 25.90
N LEU A 315 -6.12 -10.45 26.21
CA LEU A 315 -6.96 -11.59 25.82
C LEU A 315 -8.37 -11.41 26.37
N GLN A 316 -8.50 -11.10 27.67
CA GLN A 316 -9.84 -10.95 28.23
CA GLN A 316 -9.85 -10.98 28.22
C GLN A 316 -10.65 -9.87 27.53
N TRP A 317 -10.01 -8.76 27.21
CA TRP A 317 -10.69 -7.70 26.52
CA TRP A 317 -10.66 -7.69 26.50
C TRP A 317 -11.11 -8.14 25.14
N LEU A 318 -10.21 -8.79 24.39
CA LEU A 318 -10.56 -9.19 23.04
C LEU A 318 -11.73 -10.20 23.04
N GLN A 319 -11.78 -11.07 24.06
CA GLN A 319 -12.90 -11.99 24.18
C GLN A 319 -14.18 -11.24 24.49
N LEU A 320 -14.11 -10.27 25.37
CA LEU A 320 -15.26 -9.43 25.67
C LEU A 320 -15.77 -8.70 24.43
N GLN A 321 -14.87 -8.12 23.63
CA GLN A 321 -15.32 -7.39 22.45
C GLN A 321 -15.93 -8.31 21.41
N ARG A 322 -15.43 -9.53 21.32
CA ARG A 322 -15.96 -10.48 20.33
C ARG A 322 -17.40 -10.84 20.64
N ARG A 323 -17.66 -11.26 21.88
CA ARG A 323 -19.02 -11.60 22.26
C ARG A 323 -19.93 -10.52 21.71
N HIS A 324 -19.64 -9.26 22.02
CA HIS A 324 -20.40 -8.14 21.47
C HIS A 324 -20.46 -8.20 19.95
N HIS A 325 -19.37 -7.79 19.26
CA HIS A 325 -19.35 -7.72 17.80
C HIS A 325 -20.04 -8.90 17.15
N GLY B 2 -21.44 -9.63 -21.32
CA GLY B 2 -20.99 -8.35 -20.84
C GLY B 2 -19.64 -8.41 -20.18
N ILE B 3 -19.38 -7.38 -19.40
CA ILE B 3 -18.13 -7.23 -18.70
CA ILE B 3 -18.13 -7.24 -18.70
C ILE B 3 -18.25 -7.79 -17.28
N GLY B 4 -17.29 -8.62 -16.90
CA GLY B 4 -17.27 -9.22 -15.55
C GLY B 4 -16.56 -8.32 -14.57
N ILE B 5 -17.18 -8.16 -13.40
CA ILE B 5 -16.69 -7.31 -12.31
C ILE B 5 -16.54 -8.18 -11.07
N TYR B 6 -15.33 -8.25 -10.52
CA TYR B 6 -15.08 -8.99 -9.29
C TYR B 6 -15.15 -8.10 -8.05
N SER B 7 -14.59 -6.90 -8.13
CA SER B 7 -14.45 -6.07 -6.94
C SER B 7 -15.81 -5.53 -6.50
N PRO B 8 -16.19 -5.71 -5.24
CA PRO B 8 -17.42 -5.08 -4.73
C PRO B 8 -17.37 -3.56 -4.76
N GLY B 9 -16.15 -3.00 -4.69
CA GLY B 9 -15.99 -1.55 -4.78
C GLY B 9 -16.31 -1.01 -6.16
N ILE B 10 -15.85 -1.69 -7.21
CA ILE B 10 -16.21 -1.30 -8.57
C ILE B 10 -17.71 -1.46 -8.78
N TRP B 11 -18.26 -2.59 -8.28
CA TRP B 11 -19.65 -2.90 -8.51
C TRP B 11 -20.57 -1.82 -7.92
N ARG B 12 -20.17 -1.19 -6.83
CA ARG B 12 -21.05 -0.16 -6.28
CA ARG B 12 -20.96 -0.12 -6.20
C ARG B 12 -20.97 1.19 -7.01
N ILE B 13 -20.09 1.38 -8.00
CA ILE B 13 -20.14 2.61 -8.81
C ILE B 13 -21.48 2.73 -9.54
N PRO B 14 -22.29 3.78 -9.31
CA PRO B 14 -23.55 3.91 -10.05
C PRO B 14 -23.27 4.09 -11.54
N HIS B 15 -24.13 3.47 -12.36
CA HIS B 15 -24.16 3.64 -13.81
C HIS B 15 -22.90 3.10 -14.47
N LEU B 16 -22.29 2.06 -13.89
CA LEU B 16 -21.10 1.44 -14.46
C LEU B 16 -21.30 1.02 -15.93
N GLU B 17 -22.47 0.48 -16.26
CA GLU B 17 -22.73 0.01 -17.60
C GLU B 17 -22.70 1.17 -18.59
N LYS B 18 -22.99 2.40 -18.14
CA LYS B 18 -22.93 3.57 -19.02
C LYS B 18 -21.50 3.91 -19.36
N PHE B 19 -20.61 3.89 -18.38
CA PHE B 19 -19.21 4.14 -18.64
C PHE B 19 -18.62 3.12 -19.57
N LEU B 20 -19.01 1.86 -19.42
CA LEU B 20 -18.40 0.74 -20.15
C LEU B 20 -19.11 0.42 -21.44
N ALA B 21 -20.25 1.06 -21.69
CA ALA B 21 -21.00 0.97 -22.92
C ALA B 21 -21.55 -0.43 -23.25
N GLN B 22 -21.72 -1.24 -22.22
CA GLN B 22 -22.28 -2.56 -22.38
C GLN B 22 -22.69 -3.04 -20.99
N PRO B 23 -23.45 -4.13 -20.93
CA PRO B 23 -23.84 -4.67 -19.64
C PRO B 23 -22.68 -5.19 -18.82
N CYS B 24 -22.87 -5.17 -17.50
N CYS B 24 -22.85 -5.18 -17.49
CA CYS B 24 -21.90 -5.65 -16.52
CA CYS B 24 -21.87 -5.67 -16.55
C CYS B 24 -22.53 -6.73 -15.64
C CYS B 24 -22.50 -6.66 -15.58
N GLN B 25 -21.69 -7.60 -15.09
CA GLN B 25 -22.10 -8.72 -14.26
C GLN B 25 -21.15 -8.91 -13.10
N LYS B 26 -21.69 -9.17 -11.91
CA LYS B 26 -20.85 -9.39 -10.75
C LYS B 26 -20.47 -10.86 -10.67
N LEU B 27 -19.15 -11.10 -10.56
CA LEU B 27 -18.60 -12.46 -10.57
C LEU B 27 -17.92 -12.82 -9.26
N SER B 28 -17.88 -14.12 -8.96
CA SER B 28 -17.11 -14.65 -7.84
C SER B 28 -15.72 -15.12 -8.32
N LEU B 29 -14.68 -14.77 -7.54
CA LEU B 29 -13.32 -15.16 -7.87
C LEU B 29 -13.13 -16.67 -7.84
N LEU B 30 -14.00 -17.43 -7.22
CA LEU B 30 -13.78 -18.86 -7.10
C LEU B 30 -14.45 -19.66 -8.23
N ARG B 31 -15.28 -19.03 -9.09
CA ARG B 31 -15.99 -19.77 -10.13
CA ARG B 31 -16.00 -19.76 -10.13
C ARG B 31 -15.40 -19.46 -11.50
N PRO B 32 -15.60 -20.33 -12.48
CA PRO B 32 -15.09 -20.03 -13.83
C PRO B 32 -15.75 -18.76 -14.42
N VAL B 33 -15.04 -18.12 -15.34
CA VAL B 33 -15.63 -16.99 -16.09
C VAL B 33 -16.74 -17.53 -16.97
N PRO B 34 -17.95 -16.96 -16.90
CA PRO B 34 -19.04 -17.40 -17.79
C PRO B 34 -18.66 -17.18 -19.26
N GLN B 35 -19.14 -18.07 -20.14
CA GLN B 35 -18.76 -17.99 -21.55
CA GLN B 35 -18.79 -17.99 -21.56
C GLN B 35 -19.22 -16.66 -22.17
N GLU B 36 -20.35 -16.14 -21.73
CA GLU B 36 -20.87 -14.88 -22.29
C GLU B 36 -20.19 -13.63 -21.74
N VAL B 37 -19.32 -13.74 -20.74
CA VAL B 37 -18.55 -12.58 -20.31
C VAL B 37 -17.38 -12.40 -21.26
N ASN B 38 -17.28 -11.25 -21.92
CA ASN B 38 -16.31 -11.05 -22.99
CA ASN B 38 -16.31 -11.04 -23.00
C ASN B 38 -15.01 -10.39 -22.52
N ALA B 39 -15.00 -9.79 -21.32
CA ALA B 39 -13.82 -9.09 -20.80
C ALA B 39 -14.05 -8.96 -19.30
N ILE B 40 -12.96 -8.70 -18.58
CA ILE B 40 -12.97 -8.49 -17.13
CA ILE B 40 -12.94 -8.51 -17.12
C ILE B 40 -12.41 -7.12 -16.84
N ALA B 41 -13.07 -6.37 -15.97
CA ALA B 41 -12.60 -5.06 -15.54
C ALA B 41 -12.06 -5.05 -14.13
N VAL B 42 -10.98 -4.33 -13.95
CA VAL B 42 -10.28 -4.17 -12.65
C VAL B 42 -9.91 -2.69 -12.47
N TRP B 43 -9.46 -2.33 -11.26
CA TRP B 43 -9.11 -0.92 -10.98
C TRP B 43 -7.60 -0.73 -11.03
N GLY B 44 -7.11 -0.19 -12.12
CA GLY B 44 -5.69 0.12 -12.22
C GLY B 44 -4.85 -1.12 -11.94
N HIS B 45 -3.75 -0.89 -11.21
CA HIS B 45 -2.89 -1.92 -10.64
C HIS B 45 -3.11 -2.04 -9.12
N ARG B 46 -4.30 -1.75 -8.63
CA ARG B 46 -4.57 -1.94 -7.21
C ARG B 46 -4.50 -3.41 -6.84
N PRO B 47 -4.25 -3.70 -5.57
CA PRO B 47 -4.12 -5.13 -5.17
C PRO B 47 -5.28 -6.03 -5.63
N SER B 48 -6.53 -5.56 -5.62
CA SER B 48 -7.67 -6.37 -6.02
C SER B 48 -7.61 -6.75 -7.47
N ALA B 49 -6.75 -6.12 -8.26
CA ALA B 49 -6.70 -6.46 -9.70
C ALA B 49 -5.95 -7.77 -9.99
N ALA B 50 -5.02 -8.20 -9.12
CA ALA B 50 -4.07 -9.25 -9.51
C ALA B 50 -4.78 -10.59 -9.83
N LYS B 51 -5.61 -11.06 -8.93
CA LYS B 51 -6.24 -12.35 -9.19
C LYS B 51 -7.19 -12.30 -10.40
N PRO B 52 -8.05 -11.28 -10.56
CA PRO B 52 -8.83 -11.20 -11.83
C PRO B 52 -8.00 -11.12 -13.10
N VAL B 53 -6.86 -10.44 -13.06
CA VAL B 53 -6.03 -10.41 -14.26
C VAL B 53 -5.54 -11.82 -14.61
N ALA B 54 -5.16 -12.59 -13.59
CA ALA B 54 -4.75 -13.97 -13.81
C ALA B 54 -5.90 -14.84 -14.30
N ILE B 55 -7.10 -14.68 -13.75
CA ILE B 55 -8.27 -15.43 -14.22
C ILE B 55 -8.53 -15.13 -15.68
N ALA B 56 -8.46 -13.85 -16.03
CA ALA B 56 -8.75 -13.47 -17.42
C ALA B 56 -7.74 -14.07 -18.38
N LYS B 57 -6.44 -14.06 -18.00
CA LYS B 57 -5.40 -14.68 -18.84
C LYS B 57 -5.67 -16.16 -19.04
N ALA B 58 -6.05 -16.85 -17.99
CA ALA B 58 -6.30 -18.27 -18.08
C ALA B 58 -7.52 -18.58 -18.91
N ALA B 59 -8.50 -17.68 -18.90
CA ALA B 59 -9.72 -17.88 -19.68
C ALA B 59 -9.58 -17.40 -21.13
N GLY B 60 -8.47 -16.74 -21.47
CA GLY B 60 -8.26 -16.16 -22.78
C GLY B 60 -9.16 -14.98 -23.04
N LYS B 61 -9.49 -14.20 -21.98
CA LYS B 61 -10.37 -13.03 -22.12
CA LYS B 61 -10.33 -13.02 -22.19
C LYS B 61 -9.60 -11.73 -21.83
N PRO B 62 -9.89 -10.65 -22.56
CA PRO B 62 -9.18 -9.38 -22.29
C PRO B 62 -9.52 -8.73 -20.95
N VAL B 63 -8.58 -7.91 -20.47
CA VAL B 63 -8.73 -7.12 -19.26
C VAL B 63 -8.88 -5.65 -19.61
N ILE B 64 -9.84 -5.00 -18.96
CA ILE B 64 -10.04 -3.55 -19.02
CA ILE B 64 -10.00 -3.55 -19.04
C ILE B 64 -9.62 -3.00 -17.67
N ARG B 65 -8.75 -1.99 -17.67
CA ARG B 65 -8.32 -1.33 -16.43
C ARG B 65 -9.02 0.03 -16.34
N LEU B 66 -9.69 0.26 -15.22
CA LEU B 66 -10.45 1.45 -14.90
C LEU B 66 -9.69 2.30 -13.90
N GLU B 67 -10.03 3.58 -13.83
CA GLU B 67 -9.56 4.48 -12.78
C GLU B 67 -10.49 5.68 -12.80
N ASP B 68 -10.30 6.58 -11.84
CA ASP B 68 -10.98 7.86 -11.85
C ASP B 68 -10.68 8.66 -13.12
N GLY B 69 -11.68 9.35 -13.64
CA GLY B 69 -11.38 10.33 -14.69
C GLY B 69 -10.53 11.48 -14.15
N PHE B 70 -9.97 12.25 -15.08
CA PHE B 70 -9.14 13.41 -14.72
C PHE B 70 -9.99 14.55 -14.16
N VAL B 71 -11.26 14.62 -14.53
CA VAL B 71 -12.27 15.50 -13.89
C VAL B 71 -13.29 14.53 -13.31
N ARG B 72 -13.28 14.34 -11.98
CA ARG B 72 -14.02 13.22 -11.37
C ARG B 72 -15.37 13.63 -10.76
N SER B 73 -15.40 14.65 -9.91
CA SER B 73 -16.54 14.87 -9.04
C SER B 73 -16.39 16.18 -8.32
N LEU B 74 -17.41 16.52 -7.56
CA LEU B 74 -17.36 17.69 -6.72
C LEU B 74 -16.45 17.44 -5.50
N ASP B 75 -16.70 16.39 -4.78
CA ASP B 75 -15.98 16.03 -3.57
C ASP B 75 -15.39 14.62 -3.72
N LEU B 76 -14.64 14.20 -2.72
CA LEU B 76 -13.96 12.91 -2.74
C LEU B 76 -14.95 11.76 -2.61
N GLY B 77 -14.57 10.63 -3.22
CA GLY B 77 -15.31 9.41 -2.95
C GLY B 77 -15.49 9.10 -1.46
N VAL B 78 -14.42 9.24 -0.68
CA VAL B 78 -14.45 8.89 0.74
C VAL B 78 -15.47 9.76 1.47
N ASN B 79 -15.87 10.87 0.87
CA ASN B 79 -16.93 11.70 1.40
C ASN B 79 -18.28 11.39 0.77
N GLY B 80 -18.39 10.26 0.10
CA GLY B 80 -19.68 9.79 -0.38
C GLY B 80 -20.00 10.14 -1.81
N GLU B 81 -19.08 10.73 -2.57
CA GLU B 81 -19.38 11.18 -3.93
C GLU B 81 -18.95 10.16 -4.95
N PRO B 82 -19.88 9.59 -5.75
CA PRO B 82 -19.50 8.69 -6.82
C PRO B 82 -18.83 9.40 -7.99
N PRO B 83 -18.11 8.69 -8.84
CA PRO B 83 -17.43 9.35 -9.96
C PRO B 83 -18.40 9.69 -11.09
N LEU B 84 -18.17 10.86 -11.72
CA LEU B 84 -18.87 11.26 -12.93
C LEU B 84 -18.10 10.91 -14.18
N SER B 85 -16.85 10.49 -14.01
CA SER B 85 -15.98 10.14 -15.12
CA SER B 85 -16.05 10.08 -15.14
C SER B 85 -15.07 9.01 -14.67
N LEU B 86 -14.80 8.08 -15.60
CA LEU B 86 -13.80 7.03 -15.45
C LEU B 86 -12.87 6.97 -16.66
N VAL B 87 -11.61 6.65 -16.39
CA VAL B 87 -10.68 6.17 -17.39
C VAL B 87 -11.07 4.75 -17.73
N VAL B 88 -11.03 4.39 -19.03
CA VAL B 88 -11.32 3.04 -19.48
C VAL B 88 -10.19 2.62 -20.45
N ASP B 89 -9.31 1.72 -19.99
CA ASP B 89 -8.06 1.40 -20.69
C ASP B 89 -8.03 -0.08 -21.08
N ASP B 90 -8.15 -0.38 -22.36
CA ASP B 90 -8.13 -1.74 -22.85
C ASP B 90 -6.76 -2.31 -23.16
N CYS B 91 -5.65 -1.65 -22.71
CA CYS B 91 -4.30 -2.14 -23.00
C CYS B 91 -3.32 -2.13 -21.83
N GLY B 92 -3.41 -1.22 -20.95
CA GLY B 92 -2.51 -1.01 -19.83
C GLY B 92 -3.20 -0.05 -18.87
N ILE B 93 -2.46 0.92 -18.33
CA ILE B 93 -3.04 1.99 -17.53
C ILE B 93 -2.13 3.21 -17.66
N TYR B 94 -2.73 4.39 -17.68
CA TYR B 94 -1.99 5.58 -18.07
C TYR B 94 -0.73 5.83 -17.23
N TYR B 95 -0.77 5.52 -15.94
CA TYR B 95 0.31 5.86 -15.04
C TYR B 95 1.46 4.86 -15.09
N ASP B 96 1.34 3.75 -15.84
CA ASP B 96 2.41 2.78 -15.94
C ASP B 96 3.20 3.08 -17.22
N ALA B 97 4.40 3.63 -16.99
CA ALA B 97 5.27 4.03 -18.07
C ALA B 97 5.96 2.88 -18.77
N SER B 98 5.94 1.69 -18.21
CA SER B 98 6.79 0.60 -18.70
C SER B 98 6.33 0.02 -20.03
N LYS B 99 5.09 0.25 -20.46
CA LYS B 99 4.56 -0.25 -21.73
C LYS B 99 3.44 0.66 -22.18
N PRO B 100 3.10 0.64 -23.47
CA PRO B 100 2.06 1.54 -23.94
C PRO B 100 0.75 1.29 -23.21
N SER B 101 0.02 2.35 -22.97
CA SER B 101 -1.34 2.30 -22.45
C SER B 101 -2.28 2.61 -23.62
N ALA B 102 -3.58 2.41 -23.40
CA ALA B 102 -4.53 2.87 -24.39
C ALA B 102 -4.47 4.38 -24.59
N LEU B 103 -4.11 5.13 -23.56
CA LEU B 103 -3.98 6.59 -23.70
C LEU B 103 -2.84 6.92 -24.66
N GLU B 104 -1.67 6.30 -24.46
CA GLU B 104 -0.54 6.54 -25.34
C GLU B 104 -0.93 6.29 -26.80
N LYS B 105 -1.64 5.19 -27.05
CA LYS B 105 -2.09 4.88 -28.42
C LYS B 105 -3.09 5.91 -28.95
N LEU B 106 -3.98 6.41 -28.09
CA LEU B 106 -4.92 7.43 -28.55
C LEU B 106 -4.20 8.72 -28.93
N VAL B 107 -3.21 9.14 -28.15
CA VAL B 107 -2.43 10.32 -28.48
C VAL B 107 -1.79 10.17 -29.85
N GLN B 108 -1.23 8.99 -30.11
CA GLN B 108 -0.53 8.71 -31.35
C GLN B 108 -1.47 8.59 -32.53
N ASP B 109 -2.78 8.34 -32.32
CA ASP B 109 -3.78 8.25 -33.39
C ASP B 109 -4.21 9.67 -33.73
N LYS B 110 -3.36 10.37 -34.50
CA LYS B 110 -3.57 11.81 -34.75
CA LYS B 110 -3.56 11.79 -34.78
C LYS B 110 -4.85 12.02 -35.54
N ALA B 111 -5.21 11.13 -36.48
CA ALA B 111 -6.41 11.31 -37.28
C ALA B 111 -7.66 11.27 -36.41
N GLY B 112 -7.62 10.53 -35.33
CA GLY B 112 -8.75 10.35 -34.43
C GLY B 112 -9.00 11.53 -33.57
N ASN B 113 -8.03 12.39 -33.43
CA ASN B 113 -8.17 13.56 -32.57
CA ASN B 113 -8.23 13.56 -32.57
C ASN B 113 -8.70 14.78 -33.36
N THR B 114 -8.73 14.71 -34.69
CA THR B 114 -9.08 15.88 -35.52
C THR B 114 -10.50 16.44 -35.27
N ALA B 115 -11.54 15.56 -35.23
CA ALA B 115 -12.93 15.96 -34.97
C ALA B 115 -13.16 16.50 -33.56
N LEU B 116 -12.16 16.42 -32.70
N LEU B 116 -12.15 16.46 -32.73
CA LEU B 116 -12.32 16.76 -31.30
CA LEU B 116 -12.27 16.95 -31.38
C LEU B 116 -11.66 18.08 -30.91
C LEU B 116 -11.63 18.33 -31.17
N ILE B 117 -11.19 18.85 -31.88
N ILE B 117 -11.12 18.94 -32.25
CA ILE B 117 -10.41 20.05 -31.56
CA ILE B 117 -10.38 20.18 -32.10
C ILE B 117 -11.33 21.27 -31.26
C ILE B 117 -11.10 21.15 -31.18
N SER B 118 -12.57 21.34 -31.77
N SER B 118 -12.33 21.42 -31.56
CA SER B 118 -13.48 22.36 -31.21
CA SER B 118 -13.16 22.48 -30.99
C SER B 118 -13.70 22.10 -29.72
C SER B 118 -13.70 22.12 -29.62
N GLN B 119 -14.03 20.86 -29.38
CA GLN B 119 -14.31 20.49 -28.00
C GLN B 119 -13.06 20.69 -27.11
N ALA B 120 -11.87 20.35 -27.59
CA ALA B 120 -10.65 20.47 -26.80
C ALA B 120 -10.33 21.92 -26.47
N ARG B 121 -10.49 22.83 -27.45
CA ARG B 121 -10.27 24.24 -27.25
CA ARG B 121 -10.22 24.22 -27.19
C ARG B 121 -11.18 24.76 -26.14
N GLU B 122 -12.50 24.44 -26.26
CA GLU B 122 -13.49 24.91 -25.31
C GLU B 122 -13.14 24.42 -23.91
N ALA B 123 -12.88 23.14 -23.80
CA ALA B 123 -12.75 22.58 -22.47
C ALA B 123 -11.47 23.03 -21.80
N MET B 124 -10.36 23.11 -22.56
CA MET B 124 -9.13 23.59 -21.97
C MET B 124 -9.34 24.97 -21.36
N HIS B 125 -9.99 25.84 -22.11
CA HIS B 125 -10.23 27.16 -21.58
CA HIS B 125 -10.28 27.20 -21.63
C HIS B 125 -11.15 27.20 -20.39
N THR B 126 -12.21 26.38 -20.39
CA THR B 126 -13.08 26.36 -19.20
C THR B 126 -12.33 25.84 -17.98
N ILE B 127 -11.52 24.79 -18.15
CA ILE B 127 -10.78 24.22 -17.02
C ILE B 127 -9.86 25.28 -16.40
N VAL B 128 -9.12 26.00 -17.23
CA VAL B 128 -8.12 26.93 -16.70
C VAL B 128 -8.81 28.16 -16.11
N THR B 129 -9.69 28.79 -16.87
CA THR B 129 -10.31 30.03 -16.40
C THR B 129 -11.39 29.80 -15.37
N GLY B 130 -12.06 28.65 -15.43
CA GLY B 130 -13.08 28.31 -14.46
C GLY B 130 -12.55 27.55 -13.26
N ASP B 131 -11.24 27.36 -13.13
CA ASP B 131 -10.61 26.74 -11.95
C ASP B 131 -11.14 25.34 -11.68
N MET B 132 -11.24 24.52 -12.70
CA MET B 132 -11.71 23.14 -12.55
C MET B 132 -10.52 22.20 -12.36
N SER B 133 -10.80 21.05 -11.80
CA SER B 133 -9.76 20.05 -11.52
C SER B 133 -10.42 18.67 -11.32
N LYS B 134 -9.67 17.71 -10.76
CA LYS B 134 -10.25 16.40 -10.47
C LYS B 134 -11.40 16.53 -9.50
N TYR B 135 -11.18 17.20 -8.40
CA TYR B 135 -12.18 17.59 -7.41
C TYR B 135 -12.43 19.11 -7.51
N ASN B 136 -13.59 19.54 -7.01
CA ASN B 136 -14.07 20.84 -7.44
C ASN B 136 -14.76 21.60 -6.33
N LEU B 137 -14.23 21.50 -5.11
CA LEU B 137 -14.66 22.30 -3.99
C LEU B 137 -13.57 23.23 -3.46
N ALA B 138 -12.30 23.03 -3.76
CA ALA B 138 -11.23 23.78 -3.10
C ALA B 138 -11.33 25.26 -3.46
N PRO B 139 -10.97 26.13 -2.54
CA PRO B 139 -11.05 27.57 -2.81
C PRO B 139 -9.94 28.06 -3.71
N ALA B 140 -10.17 29.26 -4.28
CA ALA B 140 -9.10 29.98 -4.99
C ALA B 140 -8.01 30.47 -4.06
N PHE B 141 -6.82 30.57 -4.59
CA PHE B 141 -5.66 31.05 -3.85
C PHE B 141 -5.60 32.58 -3.89
N VAL B 142 -5.63 33.23 -2.71
CA VAL B 142 -5.51 34.71 -2.61
C VAL B 142 -4.45 35.09 -1.56
N ALA B 143 -3.70 34.11 -1.03
CA ALA B 143 -2.81 34.31 0.10
C ALA B 143 -1.45 34.86 -0.31
N ASP B 144 -1.24 35.17 -1.59
CA ASP B 144 -0.09 35.97 -2.03
C ASP B 144 -0.58 36.78 -3.23
N GLU B 145 -0.46 38.08 -3.15
CA GLU B 145 -0.80 39.01 -4.23
C GLU B 145 0.39 39.95 -4.49
N SER B 146 1.61 39.43 -4.30
CA SER B 146 2.86 40.19 -4.33
C SER B 146 3.31 40.51 -5.75
N GLU B 147 2.73 39.86 -6.75
CA GLU B 147 3.08 40.06 -8.18
C GLU B 147 4.52 39.63 -8.49
N ARG B 148 5.15 38.81 -7.65
CA ARG B 148 6.50 38.37 -7.92
C ARG B 148 6.50 37.37 -9.07
N THR B 149 7.55 37.45 -9.88
CA THR B 149 7.66 36.60 -11.06
C THR B 149 8.65 35.47 -10.89
N ASN B 150 9.18 35.25 -9.67
CA ASN B 150 10.23 34.27 -9.32
C ASN B 150 9.75 33.33 -8.16
N ILE B 151 8.55 32.84 -8.34
CA ILE B 151 8.03 31.80 -7.47
C ILE B 151 8.10 30.47 -8.20
N VAL B 152 8.60 29.44 -7.55
CA VAL B 152 8.71 28.08 -8.10
C VAL B 152 7.84 27.14 -7.28
N LEU B 153 7.00 26.33 -7.94
CA LEU B 153 6.14 25.37 -7.22
C LEU B 153 6.73 23.96 -7.31
N VAL B 154 6.73 23.25 -6.17
CA VAL B 154 7.16 21.84 -6.09
C VAL B 154 5.99 21.06 -5.51
N VAL B 155 5.64 19.94 -6.14
CA VAL B 155 4.42 19.22 -5.82
C VAL B 155 4.72 17.87 -5.14
N ASP B 156 4.26 17.73 -3.90
CA ASP B 156 4.34 16.46 -3.20
C ASP B 156 3.23 15.51 -3.62
N GLN B 157 3.45 14.21 -3.36
CA GLN B 157 2.45 13.17 -3.56
C GLN B 157 2.45 12.21 -2.38
N THR B 158 1.36 11.44 -2.23
CA THR B 158 1.25 10.51 -1.09
C THR B 158 2.31 9.41 -1.23
N PHE B 159 2.89 9.03 -0.09
CA PHE B 159 3.93 8.02 -0.04
C PHE B 159 3.45 6.71 -0.62
N ASN B 160 4.24 6.20 -1.56
CA ASN B 160 4.00 4.90 -2.17
CA ASN B 160 4.01 4.90 -2.17
C ASN B 160 2.78 4.84 -3.07
N CYS B 161 2.28 5.97 -3.54
CA CYS B 161 1.22 5.95 -4.53
C CYS B 161 1.58 5.09 -5.76
N MET B 162 0.55 4.48 -6.34
CA MET B 162 0.77 3.65 -7.53
CA MET B 162 0.81 3.65 -7.52
C MET B 162 1.32 4.46 -8.71
N SER B 163 0.83 5.69 -8.88
CA SER B 163 1.30 6.49 -10.01
CA SER B 163 1.29 6.50 -10.00
C SER B 163 2.75 6.94 -9.84
N VAL B 164 3.29 6.90 -8.64
CA VAL B 164 4.71 7.13 -8.42
C VAL B 164 5.51 5.90 -8.83
N THR B 165 5.20 4.75 -8.21
CA THR B 165 5.99 3.55 -8.47
CA THR B 165 5.95 3.53 -8.45
C THR B 165 5.93 3.15 -9.94
N TYR B 166 4.72 3.12 -10.54
CA TYR B 166 4.60 2.70 -11.92
C TYR B 166 5.02 3.78 -12.90
N GLY B 167 5.26 5.00 -12.42
CA GLY B 167 5.98 6.04 -13.16
C GLY B 167 7.48 6.00 -12.96
N ASN B 168 7.98 4.85 -12.46
CA ASN B 168 9.42 4.60 -12.32
C ASN B 168 10.08 5.58 -11.37
N ALA B 169 9.40 5.81 -10.24
CA ALA B 169 9.91 6.73 -9.25
C ALA B 169 9.68 6.19 -7.83
N GLY B 170 10.30 6.87 -6.88
CA GLY B 170 10.23 6.57 -5.45
C GLY B 170 10.87 7.72 -4.67
N PRO B 171 11.29 7.45 -3.44
CA PRO B 171 11.79 8.52 -2.59
C PRO B 171 12.94 9.29 -3.20
N HIS B 172 13.85 8.63 -3.90
CA HIS B 172 15.01 9.35 -4.43
CA HIS B 172 15.01 9.34 -4.44
C HIS B 172 14.60 10.45 -5.40
N GLU B 173 13.54 10.21 -6.17
CA GLU B 173 13.11 11.22 -7.16
C GLU B 173 12.49 12.42 -6.46
N PHE B 174 11.83 12.23 -5.32
CA PHE B 174 11.35 13.39 -4.56
C PHE B 174 12.51 14.19 -3.98
N ALA B 175 13.54 13.52 -3.45
CA ALA B 175 14.73 14.25 -2.98
C ALA B 175 15.39 15.01 -4.11
N ALA B 176 15.58 14.34 -5.24
CA ALA B 176 16.22 14.99 -6.37
C ALA B 176 15.41 16.20 -6.86
N MET B 177 14.10 16.07 -6.88
CA MET B 177 13.24 17.14 -7.36
C MET B 177 13.36 18.38 -6.49
N LEU B 178 13.25 18.23 -5.17
CA LEU B 178 13.34 19.41 -4.31
C LEU B 178 14.74 20.01 -4.37
N GLU B 179 15.78 19.14 -4.39
CA GLU B 179 17.16 19.64 -4.52
C GLU B 179 17.34 20.48 -5.76
N ALA B 180 16.82 19.98 -6.89
CA ALA B 180 16.93 20.67 -8.16
C ALA B 180 16.15 21.97 -8.19
N ALA B 181 14.95 21.98 -7.63
CA ALA B 181 14.17 23.22 -7.60
C ALA B 181 14.90 24.31 -6.84
N MET B 182 15.50 23.95 -5.71
CA MET B 182 16.21 24.93 -4.91
CA MET B 182 16.23 24.91 -4.90
C MET B 182 17.55 25.33 -5.55
N ALA B 183 18.25 24.39 -6.20
CA ALA B 183 19.56 24.66 -6.76
C ALA B 183 19.47 25.44 -8.07
N GLU B 184 18.46 25.19 -8.88
CA GLU B 184 18.36 25.76 -10.22
C GLU B 184 17.72 27.13 -10.17
N ASN B 185 17.11 27.48 -9.03
CA ASN B 185 16.40 28.75 -8.86
C ASN B 185 16.87 29.37 -7.53
N PRO B 186 18.15 29.70 -7.40
CA PRO B 186 18.71 30.08 -6.08
C PRO B 186 18.16 31.39 -5.51
N GLN B 187 17.57 32.26 -6.31
CA GLN B 187 16.98 33.52 -5.84
CA GLN B 187 16.99 33.51 -5.80
C GLN B 187 15.46 33.45 -5.67
N ALA B 188 14.87 32.33 -5.96
CA ALA B 188 13.43 32.22 -5.98
C ALA B 188 12.93 31.86 -4.57
N GLU B 189 11.67 32.17 -4.34
CA GLU B 189 10.92 31.55 -3.25
C GLU B 189 10.32 30.22 -3.78
N ILE B 190 10.47 29.19 -3.00
CA ILE B 190 10.02 27.85 -3.33
CA ILE B 190 9.98 27.86 -3.37
C ILE B 190 8.73 27.60 -2.55
N TRP B 191 7.63 27.30 -3.24
CA TRP B 191 6.37 26.91 -2.64
C TRP B 191 6.23 25.41 -2.82
N VAL B 192 5.96 24.71 -1.73
CA VAL B 192 5.80 23.27 -1.78
C VAL B 192 4.35 22.94 -1.44
N LYS B 193 3.67 22.32 -2.38
CA LYS B 193 2.29 21.89 -2.17
C LYS B 193 2.31 20.55 -1.46
N VAL B 194 1.87 20.56 -0.20
CA VAL B 194 1.98 19.43 0.70
C VAL B 194 0.59 19.08 1.20
N HIS B 195 0.54 17.96 1.92
CA HIS B 195 -0.66 17.45 2.62
C HIS B 195 -1.66 16.91 1.61
N LYS B 203 -1.13 8.05 4.74
CA LYS B 203 -1.81 9.29 4.47
C LYS B 203 -0.83 10.45 4.19
N THR B 204 0.43 10.27 4.49
CA THR B 204 1.38 11.37 4.44
C THR B 204 2.12 11.40 3.11
N GLY B 205 2.72 12.57 2.80
CA GLY B 205 3.50 12.75 1.62
C GLY B 205 4.96 12.60 1.89
N TYR B 206 5.72 12.61 0.81
CA TYR B 206 7.16 12.48 0.99
C TYR B 206 7.75 13.60 1.81
N PHE B 207 7.19 14.80 1.70
CA PHE B 207 7.76 16.00 2.32
C PHE B 207 7.06 16.36 3.63
N ALA B 208 6.50 15.39 4.31
CA ALA B 208 5.80 15.68 5.55
C ALA B 208 6.68 16.32 6.60
N ASP B 209 7.99 16.05 6.60
CA ASP B 209 8.89 16.60 7.61
C ASP B 209 9.35 18.02 7.26
N LEU B 210 9.15 18.50 6.03
CA LEU B 210 9.62 19.81 5.63
C LEU B 210 8.91 20.91 6.41
N ARG B 211 9.68 21.92 6.81
N ARG B 211 9.67 21.90 6.83
CA ARG B 211 9.13 23.07 7.52
CA ARG B 211 9.09 23.07 7.50
C ARG B 211 9.49 24.36 6.78
C ARG B 211 9.49 24.36 6.78
N ALA B 212 8.67 25.39 6.98
CA ALA B 212 8.87 26.67 6.32
C ALA B 212 10.16 27.30 6.79
N THR B 213 10.81 27.99 5.86
N THR B 213 10.77 28.04 5.85
CA THR B 213 12.08 28.64 6.08
CA THR B 213 11.86 28.95 6.12
C THR B 213 12.09 29.93 5.29
C THR B 213 11.57 30.29 5.41
N GLN B 214 13.24 30.59 5.33
N GLN B 214 12.57 31.18 5.37
CA GLN B 214 13.42 31.82 4.57
CA GLN B 214 12.51 32.38 4.57
C GLN B 214 12.81 31.71 3.18
C GLN B 214 12.42 32.09 3.08
N ARG B 215 13.36 30.78 2.39
N ARG B 215 13.00 30.98 2.62
CA ARG B 215 12.95 30.67 1.00
CA ARG B 215 13.02 30.65 1.17
C ARG B 215 11.74 29.78 0.81
C ARG B 215 12.03 29.55 0.75
N VAL B 216 11.46 28.86 1.72
CA VAL B 216 10.55 27.74 1.50
C VAL B 216 9.26 27.99 2.21
N ARG B 217 8.16 28.05 1.44
CA ARG B 217 6.81 28.20 1.97
CA ARG B 217 6.82 28.18 2.01
C ARG B 217 6.03 26.92 1.72
N LEU B 218 5.26 26.47 2.72
CA LEU B 218 4.41 25.29 2.56
C LEU B 218 3.02 25.75 2.19
N ILE B 219 2.43 25.13 1.19
CA ILE B 219 1.05 25.35 0.83
C ILE B 219 0.30 24.08 1.29
N ALA B 220 -0.17 24.06 2.52
CA ALA B 220 -0.75 22.89 3.14
C ALA B 220 -2.26 22.92 3.03
N GLU B 221 -2.82 24.06 2.76
CA GLU B 221 -4.27 24.16 2.61
C GLU B 221 -4.77 23.57 1.30
N ASN B 222 -6.03 23.19 1.26
N ASN B 222 -6.01 23.12 1.27
CA ASN B 222 -6.63 22.77 -0.01
CA ASN B 222 -6.60 22.76 -0.03
C ASN B 222 -6.89 24.01 -0.87
C ASN B 222 -6.77 24.05 -0.82
N VAL B 223 -6.39 24.01 -2.09
CA VAL B 223 -6.55 25.15 -2.98
C VAL B 223 -6.74 24.62 -4.38
N SER B 224 -7.49 25.35 -5.17
CA SER B 224 -7.72 24.94 -6.55
CA SER B 224 -7.72 24.91 -6.55
C SER B 224 -6.45 25.05 -7.40
N PRO B 225 -6.03 23.96 -8.08
CA PRO B 225 -4.74 24.04 -8.81
C PRO B 225 -4.59 25.18 -9.76
N GLN B 226 -5.57 25.46 -10.65
CA GLN B 226 -5.37 26.51 -11.64
C GLN B 226 -5.19 27.87 -10.97
N SER B 227 -5.85 28.08 -9.82
CA SER B 227 -5.71 29.34 -9.13
CA SER B 227 -5.70 29.34 -9.13
C SER B 227 -4.30 29.49 -8.58
N LEU B 228 -3.76 28.45 -7.95
CA LEU B 228 -2.40 28.50 -7.46
C LEU B 228 -1.41 28.70 -8.61
N LEU B 229 -1.62 27.99 -9.69
CA LEU B 229 -0.69 28.01 -10.83
C LEU B 229 -0.52 29.39 -11.41
N ARG B 230 -1.58 30.21 -11.39
N ARG B 230 -1.60 30.20 -11.37
CA ARG B 230 -1.46 31.54 -11.96
CA ARG B 230 -1.54 31.57 -11.87
C ARG B 230 -0.47 32.44 -11.20
C ARG B 230 -0.37 32.33 -11.26
N HIS B 231 -0.03 32.01 -10.00
CA HIS B 231 0.90 32.80 -9.21
C HIS B 231 2.33 32.33 -9.30
N VAL B 232 2.63 31.26 -10.04
CA VAL B 232 3.96 30.67 -10.03
C VAL B 232 4.53 30.77 -11.42
N SER B 233 5.85 30.67 -11.52
CA SER B 233 6.54 30.79 -12.79
C SER B 233 6.95 29.47 -13.39
N ARG B 234 7.14 28.43 -12.58
CA ARG B 234 7.50 27.13 -13.09
CA ARG B 234 7.58 27.12 -13.06
C ARG B 234 7.14 26.10 -12.05
N VAL B 235 7.00 24.85 -12.51
CA VAL B 235 6.47 23.75 -11.70
C VAL B 235 7.39 22.54 -11.81
N TYR B 236 7.71 21.95 -10.65
CA TYR B 236 8.48 20.70 -10.55
C TYR B 236 7.56 19.62 -9.99
N VAL B 237 7.58 18.45 -10.65
CA VAL B 237 6.78 17.30 -10.25
C VAL B 237 7.59 16.02 -10.41
N VAL B 238 7.08 14.96 -9.76
CA VAL B 238 7.53 13.58 -10.02
C VAL B 238 6.55 12.98 -11.05
N THR B 239 5.33 12.62 -10.63
CA THR B 239 4.31 12.11 -11.51
C THR B 239 2.95 12.78 -11.34
N SER B 240 2.82 13.80 -10.52
CA SER B 240 1.52 14.35 -10.17
C SER B 240 0.75 14.85 -11.42
N GLN B 241 -0.58 14.69 -11.36
CA GLN B 241 -1.46 15.32 -12.32
C GLN B 241 -1.27 16.83 -12.37
N TYR B 242 -0.77 17.45 -11.29
CA TYR B 242 -0.48 18.88 -11.29
CA TYR B 242 -0.49 18.88 -11.30
C TYR B 242 0.38 19.29 -12.47
N GLY B 243 1.27 18.39 -12.93
CA GLY B 243 2.12 18.72 -14.06
C GLY B 243 1.35 18.98 -15.33
N PHE B 244 0.33 18.15 -15.61
CA PHE B 244 -0.48 18.41 -16.77
C PHE B 244 -1.33 19.66 -16.61
N GLU B 245 -1.88 19.88 -15.39
CA GLU B 245 -2.60 21.09 -15.10
C GLU B 245 -1.74 22.33 -15.37
N ALA B 246 -0.44 22.25 -15.00
CA ALA B 246 0.51 23.32 -15.23
C ALA B 246 0.73 23.55 -16.72
N LEU B 247 0.82 22.49 -17.53
CA LEU B 247 0.91 22.67 -18.98
C LEU B 247 -0.29 23.45 -19.51
N LEU B 248 -1.50 23.10 -19.06
CA LEU B 248 -2.69 23.81 -19.49
C LEU B 248 -2.61 25.30 -19.11
N ALA B 249 -2.06 25.60 -17.94
CA ALA B 249 -1.88 26.96 -17.43
C ALA B 249 -0.75 27.72 -18.11
N GLY B 250 0.01 27.08 -18.97
CA GLY B 250 1.11 27.74 -19.68
C GLY B 250 2.40 27.85 -18.89
N LYS B 251 2.60 27.00 -17.89
CA LYS B 251 3.82 27.12 -17.08
C LYS B 251 4.82 26.02 -17.46
N PRO B 252 6.13 26.33 -17.48
CA PRO B 252 7.15 25.28 -17.72
CA PRO B 252 7.12 25.27 -17.74
C PRO B 252 7.10 24.23 -16.64
N VAL B 253 7.19 22.97 -17.04
CA VAL B 253 7.12 21.82 -16.14
C VAL B 253 8.36 20.95 -16.28
N THR B 254 8.98 20.63 -15.15
CA THR B 254 10.11 19.73 -15.02
C THR B 254 9.61 18.46 -14.32
N CYS B 255 9.89 17.30 -14.93
CA CYS B 255 9.40 16.01 -14.43
CA CYS B 255 9.41 16.02 -14.46
C CYS B 255 10.54 15.11 -14.03
N PHE B 256 10.42 14.56 -12.81
CA PHE B 256 11.42 13.60 -12.28
C PHE B 256 10.97 12.14 -12.34
N GLY B 257 9.69 11.91 -12.58
CA GLY B 257 9.16 10.60 -12.90
C GLY B 257 8.74 10.53 -14.36
N GLN B 258 8.00 9.46 -14.70
CA GLN B 258 7.54 9.23 -16.06
C GLN B 258 6.01 9.16 -16.09
N PRO B 259 5.31 10.27 -15.82
CA PRO B 259 3.87 10.30 -15.92
C PRO B 259 3.38 10.23 -17.36
N TRP B 260 2.05 10.07 -17.51
N TRP B 260 2.05 10.11 -17.48
CA TRP B 260 1.47 9.86 -18.84
CA TRP B 260 1.38 9.90 -18.77
C TRP B 260 1.79 11.01 -19.82
C TRP B 260 1.64 11.02 -19.78
N TYR B 261 1.93 12.23 -19.28
CA TYR B 261 2.08 13.44 -20.09
C TYR B 261 3.55 13.81 -20.33
N ALA B 262 4.49 13.02 -19.82
CA ALA B 262 5.92 13.24 -20.06
C ALA B 262 6.36 12.63 -21.40
N SER B 263 7.50 13.08 -21.92
CA SER B 263 8.12 12.44 -23.07
C SER B 263 7.34 12.57 -24.38
N TRP B 264 6.53 13.62 -24.49
CA TRP B 264 5.88 14.02 -25.76
C TRP B 264 6.48 15.27 -26.37
N GLY B 265 7.55 15.79 -25.77
CA GLY B 265 8.22 17.01 -26.21
C GLY B 265 7.69 18.26 -25.56
N LEU B 266 6.84 18.16 -24.52
CA LEU B 266 6.22 19.29 -23.85
C LEU B 266 6.77 19.56 -22.45
N THR B 267 7.63 18.70 -21.93
CA THR B 267 8.14 18.77 -20.57
C THR B 267 9.65 18.69 -20.56
N ASP B 268 10.24 19.25 -19.49
CA ASP B 268 11.68 19.12 -19.17
C ASP B 268 11.84 17.83 -18.38
N ASP B 269 12.24 16.76 -19.05
CA ASP B 269 12.19 15.41 -18.49
C ASP B 269 13.57 15.08 -17.94
N ARG B 270 13.61 14.71 -16.66
CA ARG B 270 14.87 14.46 -15.96
C ARG B 270 15.11 12.99 -15.68
N HIS B 271 14.21 12.11 -15.99
CA HIS B 271 14.41 10.71 -15.63
C HIS B 271 15.40 9.98 -16.56
N PRO B 272 16.18 9.01 -16.04
CA PRO B 272 17.15 8.31 -16.88
C PRO B 272 16.55 7.56 -18.04
N GLN B 273 15.28 7.12 -17.96
CA GLN B 273 14.63 6.38 -19.05
CA GLN B 273 14.66 6.40 -19.06
C GLN B 273 13.93 7.33 -20.02
N SER B 274 14.18 8.65 -19.93
CA SER B 274 13.45 9.61 -20.76
CA SER B 274 13.41 9.58 -20.76
C SER B 274 13.69 9.43 -22.26
N ALA B 275 14.94 9.19 -22.67
CA ALA B 275 15.21 9.06 -24.10
C ALA B 275 14.43 7.88 -24.67
N LEU B 276 14.47 6.76 -23.96
CA LEU B 276 13.78 5.59 -24.47
C LEU B 276 12.28 5.84 -24.56
N LEU B 277 11.71 6.46 -23.55
CA LEU B 277 10.28 6.68 -23.54
C LEU B 277 9.86 7.70 -24.60
N SER B 278 10.67 8.75 -24.80
CA SER B 278 10.38 9.73 -25.83
CA SER B 278 10.37 9.72 -25.82
C SER B 278 10.43 9.10 -27.22
N ALA B 279 11.39 8.17 -27.44
CA ALA B 279 11.44 7.46 -28.72
C ALA B 279 10.19 6.63 -28.94
N ARG B 280 9.66 6.01 -27.88
CA ARG B 280 8.43 5.24 -28.04
C ARG B 280 7.20 6.12 -28.25
N ARG B 281 7.08 7.21 -27.50
CA ARG B 281 5.90 8.08 -27.58
C ARG B 281 5.90 8.94 -28.84
N GLY B 282 7.01 9.55 -29.19
CA GLY B 282 7.01 10.56 -30.26
C GLY B 282 6.50 11.93 -29.77
N SER B 283 6.09 12.77 -30.73
CA SER B 283 5.64 14.13 -30.43
CA SER B 283 5.66 14.13 -30.43
C SER B 283 4.14 14.22 -30.39
N ALA B 284 3.65 15.19 -29.61
CA ALA B 284 2.24 15.55 -29.62
C ALA B 284 2.13 17.02 -29.25
N THR B 285 1.11 17.70 -29.80
CA THR B 285 0.74 19.02 -29.31
C THR B 285 -0.05 18.90 -27.99
N LEU B 286 -0.15 20.03 -27.27
CA LEU B 286 -0.92 20.02 -26.03
C LEU B 286 -2.39 19.71 -26.28
N GLU B 287 -2.96 20.24 -27.36
CA GLU B 287 -4.35 19.97 -27.69
CA GLU B 287 -4.35 19.96 -27.67
C GLU B 287 -4.56 18.51 -28.04
N GLU B 288 -3.59 17.89 -28.75
CA GLU B 288 -3.68 16.46 -29.04
C GLU B 288 -3.64 15.61 -27.77
N LEU B 289 -2.75 15.93 -26.84
CA LEU B 289 -2.69 15.25 -25.57
CA LEU B 289 -2.68 15.26 -25.55
C LEU B 289 -3.99 15.39 -24.80
N PHE B 290 -4.52 16.61 -24.73
CA PHE B 290 -5.76 16.87 -24.02
C PHE B 290 -6.92 16.09 -24.66
N ALA B 291 -7.07 16.19 -25.97
CA ALA B 291 -8.21 15.55 -26.60
C ALA B 291 -8.17 14.03 -26.34
N ALA B 292 -6.98 13.42 -26.52
CA ALA B 292 -6.86 12.00 -26.26
C ALA B 292 -7.23 11.66 -24.82
N ALA B 293 -6.64 12.37 -23.86
CA ALA B 293 -6.80 12.04 -22.43
C ALA B 293 -8.22 12.35 -21.94
N TYR B 294 -8.68 13.53 -22.16
CA TYR B 294 -9.90 14.02 -21.53
C TYR B 294 -11.17 13.74 -22.36
N LEU B 295 -11.03 13.62 -23.68
CA LEU B 295 -12.21 13.47 -24.55
C LEU B 295 -12.37 12.08 -25.14
N ARG B 296 -11.32 11.25 -25.15
CA ARG B 296 -11.40 9.91 -25.71
C ARG B 296 -11.16 8.85 -24.63
N TYR B 297 -10.16 9.02 -23.80
CA TYR B 297 -9.77 8.01 -22.81
C TYR B 297 -10.71 7.99 -21.63
N CYS B 298 -11.19 9.16 -21.18
CA CYS B 298 -12.19 9.26 -20.15
C CYS B 298 -13.61 9.24 -20.70
N ARG B 299 -14.48 8.60 -19.97
CA ARG B 299 -15.91 8.49 -20.26
C ARG B 299 -16.67 9.23 -19.17
N TYR B 300 -17.82 9.80 -19.51
CA TYR B 300 -18.57 10.67 -18.62
C TYR B 300 -20.02 10.22 -18.53
N ILE B 301 -20.67 10.47 -17.40
CA ILE B 301 -22.11 10.33 -17.24
C ILE B 301 -22.70 11.68 -16.84
N ASP B 302 -24.02 11.83 -17.13
CA ASP B 302 -24.74 13.00 -16.72
C ASP B 302 -25.03 12.97 -15.25
N PRO B 303 -24.71 14.03 -14.53
CA PRO B 303 -24.81 14.01 -13.10
C PRO B 303 -26.24 13.93 -12.59
N GLN B 304 -27.26 14.17 -13.43
CA GLN B 304 -28.65 14.14 -13.05
C GLN B 304 -29.34 12.87 -13.50
N THR B 305 -29.03 12.38 -14.68
CA THR B 305 -29.75 11.23 -15.21
C THR B 305 -28.95 9.92 -15.21
N GLY B 306 -27.64 10.01 -15.15
CA GLY B 306 -26.80 8.80 -15.25
C GLY B 306 -26.61 8.35 -16.70
N GLU B 307 -27.21 9.05 -17.68
CA GLU B 307 -27.00 8.70 -19.09
C GLU B 307 -25.57 9.04 -19.50
N VAL B 308 -25.09 8.43 -20.56
CA VAL B 308 -23.80 8.82 -21.15
C VAL B 308 -23.78 10.32 -21.46
N SER B 309 -22.67 10.97 -21.17
CA SER B 309 -22.54 12.40 -21.38
C SER B 309 -21.14 12.73 -21.87
N ASP B 310 -20.74 14.01 -21.68
CA ASP B 310 -19.47 14.48 -22.16
C ASP B 310 -18.85 15.45 -21.16
N LEU B 311 -17.59 15.83 -21.45
CA LEU B 311 -16.85 16.68 -20.53
C LEU B 311 -17.55 18.04 -20.37
N PHE B 312 -18.03 18.61 -21.47
CA PHE B 312 -18.67 19.92 -21.42
C PHE B 312 -19.76 19.94 -20.36
N THR B 313 -20.64 18.93 -20.42
CA THR B 313 -21.79 18.90 -19.53
C THR B 313 -21.36 18.72 -18.07
N VAL B 314 -20.36 17.85 -17.85
CA VAL B 314 -19.89 17.63 -16.49
C VAL B 314 -19.23 18.87 -15.91
N LEU B 315 -18.43 19.58 -16.73
CA LEU B 315 -17.81 20.81 -16.25
C LEU B 315 -18.89 21.85 -15.86
N GLN B 316 -19.91 22.04 -16.72
CA GLN B 316 -20.95 23.01 -16.39
CA GLN B 316 -20.95 23.01 -16.40
C GLN B 316 -21.64 22.66 -15.08
N TRP B 317 -21.95 21.37 -14.90
CA TRP B 317 -22.62 20.95 -13.69
CA TRP B 317 -22.61 20.93 -13.69
C TRP B 317 -21.74 21.15 -12.46
N LEU B 318 -20.45 20.80 -12.54
CA LEU B 318 -19.57 20.95 -11.40
C LEU B 318 -19.47 22.41 -10.99
N GLN B 319 -19.35 23.29 -11.96
CA GLN B 319 -19.22 24.71 -11.64
C GLN B 319 -20.52 25.21 -10.97
N LEU B 320 -21.67 24.78 -11.48
CA LEU B 320 -22.94 25.14 -10.84
C LEU B 320 -22.97 24.64 -9.39
N GLN B 321 -22.64 23.37 -9.17
CA GLN B 321 -22.72 22.84 -7.80
C GLN B 321 -21.72 23.52 -6.88
N ARG B 322 -20.52 23.84 -7.39
CA ARG B 322 -19.53 24.54 -6.57
C ARG B 322 -20.09 25.88 -6.12
N ARG B 323 -20.78 26.60 -7.00
CA ARG B 323 -21.34 27.90 -6.65
C ARG B 323 -22.45 27.77 -5.59
N HIS B 324 -23.19 26.64 -5.57
CA HIS B 324 -24.26 26.44 -4.60
C HIS B 324 -23.85 25.74 -3.31
N HIS B 325 -22.62 25.29 -3.22
CA HIS B 325 -22.26 24.31 -2.17
C HIS B 325 -22.34 24.87 -0.75
N HIS B 326 -21.90 26.08 -0.55
CA HIS B 326 -21.90 26.61 0.83
C HIS B 326 -23.29 27.16 1.19
C1 KD3 C . 6.25 2.55 8.93
O1A KD3 C . 6.73 1.84 8.01
O1B KD3 C . 7.01 3.16 9.74
C2 KD3 C . 4.71 2.71 9.05
C3 KD3 C . 4.20 2.66 10.48
C4 KD3 C . 4.23 1.24 11.05
O4 KD3 C . 3.65 1.22 12.34
C5 KD3 C . 3.50 0.31 10.06
O5 KD3 C . 2.13 0.64 9.98
C6 KD3 C . 4.12 0.41 8.67
O6 KD3 C . 4.03 1.77 8.21
C7 KD3 C . 3.57 -0.53 7.55
O7 KD3 C . 4.12 -1.79 7.83
C8 KD3 C . 4.04 -0.02 6.19
O8 KD3 C . 5.46 0.17 6.13
H31 KD3 C . 3.29 2.98 10.50
H32 KD3 C . 4.77 3.21 11.03
H4 KD3 C . 5.14 0.94 11.15
HO4 KD3 C . 3.46 0.42 12.55
H5 KD3 C . 3.60 -0.60 10.38
HO5 KD3 C . 1.99 1.11 9.29
H6 KD3 C . 5.04 0.11 8.81
H7 KD3 C . 2.60 -0.56 7.52
H82 KD3 C . 3.79 -0.66 5.51
H81 KD3 C . 3.61 0.82 6.01
HO8 KD3 C . 5.69 0.28 5.32
C1 KD3 D . 2.41 -3.00 6.71
O1A KD3 D . 1.08 -2.79 6.67
O1B KD3 D . 2.96 -3.38 5.61
C2 KD3 D . 3.26 -2.88 7.97
C3 KD3 D . 4.12 -4.10 8.22
C4 KD3 D . 3.38 -5.31 8.82
O4 KD3 D . 4.29 -6.29 9.28
C5 KD3 D . 2.49 -4.87 9.99
O5 KD3 D . 3.28 -4.43 11.08
C6 KD3 D . 1.64 -3.71 9.50
O6 KD3 D . 2.44 -2.58 9.10
C7 KD3 D . 0.67 -3.21 10.54
O7 KD3 D . -0.17 -4.24 11.04
C8 KD3 D . -0.22 -2.07 10.16
O8 KD3 D . -0.83 -2.35 9.01
H31 KD3 D . 4.83 -3.86 8.83
H32 KD3 D . 4.51 -4.39 7.37
H4 KD3 D . 2.81 -5.69 8.12
HO4 KD3 D . 5.01 -5.90 9.55
H5 KD3 D . 1.96 -5.62 10.28
HO5 KD3 D . 3.24 -5.02 11.68
H6 KD3 D . 1.15 -4.07 8.76
H7 KD3 D . 1.29 -2.87 11.21
H2 KD3 D . -0.09 -4.35 11.87
H82 KD3 D . -0.88 -1.93 10.86
H81 KD3 D . 0.32 -1.27 10.05
HO8 KD3 D . -1.08 -3.18 9.01
O3P C5P E . 1.25 -14.71 7.73
P C5P E . 1.45 -13.68 8.84
O1P C5P E . 1.17 -12.27 8.34
O2P C5P E . 2.74 -13.81 9.58
O5' C5P E . 0.24 -14.06 9.90
C5' C5P E . -0.32 -13.14 10.81
C4' C5P E . -1.68 -13.47 11.18
O4' C5P E . -2.55 -13.43 9.97
C3' C5P E . -2.00 -14.88 11.66
O3' C5P E . -1.81 -14.86 13.09
C2' C5P E . -3.37 -15.08 11.31
O2' C5P E . -4.36 -14.36 12.10
C1' C5P E . -3.44 -14.45 9.92
N1 C5P E . -3.26 -15.31 8.77
C2 C5P E . -4.42 -15.95 8.27
N3 C5P E . -4.30 -16.58 7.02
C4 C5P E . -3.08 -16.58 6.39
C5 C5P E . -1.87 -16.06 6.95
C6 C5P E . -2.00 -15.38 8.14
O2 C5P E . -5.48 -15.90 8.88
N4 C5P E . -2.99 -17.17 5.13
H5'1 C5P E . 0.26 -13.14 11.67
H5'2 C5P E . -0.31 -12.20 10.38
H4' C5P E . -1.90 -12.76 12.01
H3' C5P E . -1.40 -15.67 11.17
HO3' C5P E . -2.25 -14.16 13.45
H2'1 C5P E . -3.56 -16.21 11.40
HO2' C5P E . -4.26 -14.62 13.08
H1' C5P E . -4.49 -14.08 9.79
H5 C5P E . -0.92 -16.19 6.46
H6 C5P E . -1.14 -14.90 8.59
HN41 C5P E . -3.78 -17.70 4.78
HN42 C5P E . -2.07 -17.30 4.71
C10 PXV F . 4.66 5.92 7.32
C13 PXV F . 11.71 11.62 1.69
C15 PXV F . 12.51 13.82 2.10
C20 PXV F . 12.15 11.67 0.38
C02 PXV F . 11.05 10.37 2.10
C04 PXV F . 8.98 9.40 3.23
C05 PXV F . 9.47 8.90 4.52
C06 PXV F . 8.80 7.53 5.00
C07 PXV F . 7.28 7.65 5.17
C08 PXV F . 6.70 6.52 6.02
C09 PXV F . 5.19 6.57 6.11
C11 PXV F . 4.85 4.42 7.40
C14 PXV F . 11.90 12.66 2.57
C16 PXV F . 12.90 13.91 0.78
C18 PXV F . 13.84 16.06 1.09
C19 PXV F . 12.65 12.81 -0.05
N03 PXV F . 9.78 10.59 2.77
O01 PXV F . 11.57 9.30 1.90
O12 PXV F . 4.40 3.99 8.65
O17 PXV F . 13.52 15.03 0.18
H102 PXV F . 3.71 6.11 7.38
H101 PXV F . 5.11 6.31 8.10
H151 PXV F . 12.66 14.54 2.68
H201 PXV F . 12.10 10.91 -0.16
H042 PXV F . 8.05 9.67 3.33
H041 PXV F . 9.05 8.70 2.57
H051 PXV F . 10.43 8.76 4.45
H052 PXV F . 9.29 9.56 5.20
H062 PXV F . 9.20 7.27 5.84
H061 PXV F . 8.98 6.85 4.33
H072 PXV F . 7.08 8.50 5.61
H071 PXV F . 6.86 7.63 4.30
H082 PXV F . 7.06 6.59 6.92
H081 PXV F . 6.97 5.68 5.63
H092 PXV F . 4.83 6.11 5.33
H091 PXV F . 4.90 7.49 6.09
H112 PXV F . 5.79 4.20 7.30
H111 PXV F . 4.33 3.99 6.70
H141 PXV F . 11.64 12.58 3.47
H183 PXV F . 13.03 16.35 1.55
H181 PXV F . 14.23 16.81 0.62
H182 PXV F . 14.46 15.72 1.76
H191 PXV F . 12.85 12.89 -0.96
H031 PXV F . 9.49 11.38 2.89
C1 KDO G . 5.43 -7.20 6.63
O1A KDO G . 4.55 -6.60 5.96
O1B KDO G . 6.63 -6.78 6.68
C2 KDO G . 5.05 -8.62 7.26
C3 KDO G . 5.90 -8.82 8.57
C4 KDO G . 5.29 -10.03 9.27
O4 KDO G . 6.08 -10.51 10.36
C5 KDO G . 3.84 -9.72 9.70
O5 KDO G . 3.81 -8.64 10.60
C6 KDO G . 3.04 -9.46 8.46
O6 KDO G . 3.62 -8.48 7.60
C7 KDO G . 1.65 -9.01 8.81
O7 KDO G . 1.03 -9.93 9.72
C8 KDO G . 0.75 -8.78 7.57
O8 KDO G . -0.54 -8.41 8.07
H31 KDO G . 5.83 -8.03 9.14
H32 KDO G . 6.82 -8.99 8.35
H4 KDO G . 5.27 -10.76 8.65
HO4 KDO G . 6.81 -10.08 10.40
H5 KDO G . 3.46 -10.47 10.18
HO5 KDO G . 3.70 -8.94 11.39
H6 KDO G . 3.03 -10.30 7.99
H7 KDO G . 1.74 -8.14 9.24
HO7 KDO G . 1.09 -10.72 9.40
H81 KDO G . 0.69 -9.60 7.05
H82 KDO G . 1.11 -8.08 7.02
HO8 KDO G . -1.03 -9.10 8.23
CL CL H . 12.06 -15.35 -4.91
C1 KD3 I . -10.81 -1.82 -5.35
O1A KD3 I . -11.21 -2.77 -6.11
O1B KD3 I . -9.65 -1.78 -4.90
C2 KD3 I . -11.85 -0.77 -4.81
C3 KD3 I . -12.80 -0.23 -5.82
C4 KD3 I . -12.18 0.81 -6.75
O4 KD3 I . -13.19 1.29 -7.61
C5 KD3 I . -11.43 1.86 -5.98
O5 KD3 I . -12.32 2.59 -5.17
C6 KD3 I . -10.43 1.14 -5.08
O6 KD3 I . -11.12 0.26 -4.19
C7 KD3 I . -9.55 2.05 -4.18
O7 KD3 I . -8.57 2.58 -5.06
C8 KD3 I . -8.88 1.28 -3.06
O8 KD3 I . -8.23 0.12 -3.56
O1 KD3 I . -12.64 -1.43 -3.83
H31 KD3 I . -13.53 0.18 -5.35
H32 KD3 I . -13.11 -0.97 -6.35
H4 KD3 I . -11.50 0.40 -7.31
HO4 KD3 I . -13.67 1.85 -7.18
H5 KD3 I . -11.00 2.48 -6.59
HO5 KD3 I . -12.55 2.13 -4.49
H6 KD3 I . -9.83 0.69 -5.71
H7 KD3 I . -10.08 2.73 -3.75
H82 KD3 I . -8.23 1.86 -2.63
H81 KD3 I . -9.56 1.03 -2.41
HO8 KD3 I . -8.62 -0.56 -3.22
C1 KD3 J . -8.05 4.36 -3.61
O1A KD3 J . -8.96 4.83 -2.81
O1B KD3 J . -6.87 4.19 -3.21
C2 KD3 J . -8.36 3.96 -5.03
C3 KD3 J . -7.22 4.27 -5.97
C4 KD3 J . -7.12 5.75 -6.30
O4 KD3 J . -6.14 5.96 -7.31
C5 KD3 J . -8.47 6.35 -6.67
O5 KD3 J . -8.94 5.76 -7.92
C6 KD3 J . -9.45 6.02 -5.57
O6 KD3 J . -9.57 4.60 -5.41
C7 KD3 J . -10.87 6.45 -5.85
O7 KD3 J . -10.90 7.88 -5.90
C8 KD3 J . -11.84 6.04 -4.81
O8 KD3 J . -11.41 6.41 -3.59
H31 KD3 J . -7.37 3.78 -6.80
H32 KD3 J . -6.40 3.98 -5.56
H4 KD3 J . -6.83 6.23 -5.50
HO4 KD3 J . -6.29 5.44 -7.98
H5 KD3 J . -8.40 7.31 -6.78
HO5 KD3 J . -9.53 6.24 -8.27
H6 KD3 J . -9.09 6.47 -4.78
H7 KD3 J . -11.13 6.03 -6.69
H2 KD3 J . -11.44 8.14 -6.50
H82 KD3 J . -12.69 6.48 -4.98
H81 KD3 J . -11.96 5.08 -4.83
HO8 KD3 J . -11.22 5.73 -3.12
C10 PXV K . -12.51 -3.05 -2.06
C13 PXV K . -9.34 -13.77 -3.18
C15 PXV K . -8.84 -15.91 -4.03
C20 PXV K . -8.00 -13.42 -3.32
C02 PXV K . -10.40 -12.82 -2.63
C04 PXV K . -11.06 -10.52 -2.26
C05 PXV K . -10.69 -9.12 -2.78
C06 PXV K . -11.65 -8.10 -2.27
C07 PXV K . -11.43 -6.74 -2.93
C08 PXV K . -12.09 -5.56 -2.18
C09 PXV K . -11.82 -4.21 -2.78
C11 PXV K . -12.06 -1.73 -2.61
C14 PXV K . -9.74 -15.02 -3.58
C16 PXV K . -7.49 -15.62 -4.10
C18 PXV K . -5.31 -16.48 -4.57
C19 PXV K . -7.03 -14.35 -3.75
N03 PXV K . -10.08 -11.51 -2.72
O01 PXV K . -11.44 -13.23 -2.18
O17 PXV K . -6.69 -16.64 -4.60
H102 PXV K . -12.30 -3.10 -1.12
H101 PXV K . -13.47 -3.14 -2.18
H151 PXV K . -9.13 -16.74 -4.30
H201 PXV K . -7.73 -12.55 -3.13
H042 PXV K . -11.08 -10.51 -1.30
H041 PXV K . -11.94 -10.76 -2.60
H051 PXV K . -9.80 -8.89 -2.47
H052 PXV K . -10.69 -9.12 -3.75
H062 PXV K . -12.55 -8.39 -2.47
H061 PXV K . -11.54 -8.02 -1.31
H072 PXV K . -10.47 -6.57 -2.96
H071 PXV K . -11.79 -6.77 -3.82
H082 PXV K . -13.05 -5.70 -2.18
H081 PXV K . -11.78 -5.57 -1.27
H092 PXV K . -10.86 -4.05 -2.74
H091 PXV K . -12.10 -4.22 -3.70
H112 PXV K . -11.08 -1.74 -2.68
H111 PXV K . -12.33 -1.01 -2.01
H141 PXV K . -10.64 -15.26 -3.52
H183 PXV K . -4.89 -17.27 -4.96
H181 PXV K . -5.02 -16.37 -3.65
H182 PXV K . -5.07 -15.69 -5.08
H191 PXV K . -6.13 -14.13 -3.79
H031 PXV K . -9.32 -11.26 -3.02
C1 KDO L . -1.59 7.39 -6.67
O1A KDO L . -1.39 8.49 -7.24
O1B KDO L . -1.60 6.36 -7.37
C2 KDO L . -1.82 7.32 -5.14
C3 KDO L . -3.24 7.95 -4.92
C4 KDO L . -3.82 7.58 -3.54
O4 KDO L . -5.22 7.86 -3.59
C5 KDO L . -3.71 6.08 -3.29
O5 KDO L . -4.57 5.40 -4.21
C6 KDO L . -2.29 5.63 -3.53
O6 KDO L . -1.96 5.90 -4.89
C7 KDO L . -2.12 4.13 -3.31
O7 KDO L . -2.86 3.43 -4.35
C8 KDO L . -2.65 3.72 -1.92
O8 KDO L . -2.30 4.71 -1.01
H31 KDO L . -3.83 7.62 -5.61
H32 KDO L . -3.17 8.91 -4.99
H4 KDO L . -3.34 8.07 -2.85
HO4 KDO L . -5.60 7.46 -4.20
H5 KDO L . -3.97 5.88 -2.37
HO5 KDO L . -5.31 5.23 -3.82
H6 KDO L . -1.71 6.10 -2.91
H7 KDO L . -1.18 3.90 -3.34
HO7 KDO L . -3.69 3.50 -4.17
H81 KDO L . -2.25 2.87 -1.66
H82 KDO L . -3.61 3.63 -1.95
HO8 KDO L . -2.71 4.58 -0.26
CL CL M . 16.42 32.05 -9.22
P PO4 N . -1.81 13.13 -8.90
O1 PO4 N . -1.63 13.09 -10.30
O2 PO4 N . -1.84 11.68 -8.49
O3 PO4 N . -3.04 13.90 -8.47
O4 PO4 N . -0.74 13.87 -8.01
#